data_2ZV3
#
_entry.id   2ZV3
#
_cell.length_a   149.850
_cell.length_b   70.790
_cell.length_c   96.010
_cell.angle_alpha   90.00
_cell.angle_beta   121.67
_cell.angle_gamma   90.00
#
_symmetry.space_group_name_H-M   'C 1 2 1'
#
loop_
_entity.id
_entity.type
_entity.pdbx_description
1 polymer 'Peptidyl-tRNA hydrolase'
2 water water
#
_entity_poly.entity_id   1
_entity_poly.type   'polypeptide(L)'
_entity_poly.pdbx_seq_one_letter_code
;MKMVVVIRNDLGMGKGKMVAQGGHAIIEAFLDAKRKNPRAVDEWLREGQKKVVVKVNSEKELIDIYNKARSEGLPCSIIR
DAGHTQLEPGTLTAVAIGPEKDEKIDKITGHLKLL
;
_entity_poly.pdbx_strand_id   A,B,C,D,E,F,G,H,I
#
# COMPACT_ATOMS: atom_id res chain seq x y z
N MET A 1 10.02 -11.27 24.75
CA MET A 1 8.59 -11.41 25.10
C MET A 1 7.69 -10.80 24.04
N LYS A 2 6.45 -11.24 23.99
CA LYS A 2 5.53 -10.71 23.03
C LYS A 2 4.09 -11.02 23.39
N MET A 3 3.19 -10.37 22.67
CA MET A 3 1.75 -10.57 22.83
C MET A 3 1.29 -10.91 21.43
N VAL A 4 0.37 -11.86 21.32
CA VAL A 4 -0.16 -12.20 20.01
C VAL A 4 -1.62 -11.80 20.02
N VAL A 5 -2.05 -11.12 18.96
CA VAL A 5 -3.42 -10.66 18.83
C VAL A 5 -4.10 -11.51 17.75
N VAL A 6 -5.18 -12.19 18.12
CA VAL A 6 -5.92 -13.06 17.21
C VAL A 6 -7.21 -12.42 16.70
N ILE A 7 -7.25 -12.09 15.41
CA ILE A 7 -8.42 -11.47 14.81
C ILE A 7 -9.21 -12.38 13.89
N ARG A 8 -10.54 -12.38 14.05
CA ARG A 8 -11.38 -13.19 13.19
C ARG A 8 -11.47 -12.53 11.83
N ASN A 9 -11.23 -13.31 10.79
CA ASN A 9 -11.24 -12.78 9.43
C ASN A 9 -12.48 -13.19 8.65
N ASP A 10 -13.36 -13.95 9.30
CA ASP A 10 -14.58 -14.44 8.67
C ASP A 10 -15.79 -13.54 8.94
N LEU A 11 -15.62 -12.55 9.81
CA LEU A 11 -16.71 -11.65 10.17
C LEU A 11 -16.89 -10.48 9.21
N GLY A 12 -15.89 -10.23 8.37
CA GLY A 12 -15.99 -9.12 7.44
C GLY A 12 -15.82 -7.78 8.13
N MET A 13 -15.10 -7.77 9.25
CA MET A 13 -14.87 -6.53 9.99
C MET A 13 -14.01 -5.58 9.17
N GLY A 14 -14.34 -4.29 9.21
CA GLY A 14 -13.55 -3.30 8.49
C GLY A 14 -12.24 -3.05 9.22
N LYS A 15 -11.34 -2.31 8.60
CA LYS A 15 -10.04 -2.00 9.19
C LYS A 15 -10.22 -1.34 10.56
N GLY A 16 -11.08 -0.34 10.59
CA GLY A 16 -11.33 0.37 11.83
C GLY A 16 -11.85 -0.54 12.93
N LYS A 17 -12.73 -1.46 12.58
CA LYS A 17 -13.28 -2.35 13.59
C LYS A 17 -12.27 -3.37 14.11
N MET A 18 -11.41 -3.86 13.22
CA MET A 18 -10.40 -4.82 13.66
C MET A 18 -9.43 -4.12 14.62
N VAL A 19 -9.14 -2.86 14.37
CA VAL A 19 -8.22 -2.13 15.23
C VAL A 19 -8.86 -1.94 16.61
N ALA A 20 -10.14 -1.58 16.63
CA ALA A 20 -10.87 -1.40 17.89
C ALA A 20 -11.02 -2.70 18.67
N GLN A 21 -11.45 -3.75 17.97
CA GLN A 21 -11.69 -5.04 18.62
C GLN A 21 -10.37 -5.66 19.11
N GLY A 22 -9.36 -5.66 18.22
CA GLY A 22 -8.05 -6.11 18.68
C GLY A 22 -7.60 -5.24 19.85
N GLY A 23 -7.95 -3.94 19.73
CA GLY A 23 -7.62 -2.98 20.75
C GLY A 23 -8.16 -3.38 22.12
N HIS A 24 -9.43 -3.82 22.18
CA HIS A 24 -10.02 -4.26 23.44
C HIS A 24 -9.25 -5.50 23.91
N ALA A 25 -8.92 -6.37 22.96
CA ALA A 25 -8.18 -7.61 23.28
C ALA A 25 -6.82 -7.30 23.90
N ILE A 26 -6.11 -6.36 23.30
CA ILE A 26 -4.79 -5.98 23.77
C ILE A 26 -4.84 -5.44 25.21
N ILE A 27 -5.73 -4.48 25.45
CA ILE A 27 -5.87 -3.90 26.78
C ILE A 27 -6.20 -4.96 27.83
N GLU A 28 -7.14 -5.83 27.51
CA GLU A 28 -7.56 -6.88 28.45
C GLU A 28 -6.48 -7.91 28.75
N ALA A 29 -5.73 -8.30 27.75
CA ALA A 29 -4.67 -9.28 27.95
C ALA A 29 -3.56 -8.61 28.75
N PHE A 30 -3.24 -7.38 28.40
CA PHE A 30 -2.22 -6.62 29.11
C PHE A 30 -2.57 -6.54 30.59
N LEU A 31 -3.81 -6.17 30.88
CA LEU A 31 -4.24 -6.06 32.27
C LEU A 31 -4.21 -7.41 32.94
N ASP A 32 -4.65 -8.44 32.23
CA ASP A 32 -4.65 -9.79 32.79
C ASP A 32 -3.21 -10.14 33.16
N ALA A 33 -2.26 -9.86 32.27
CA ALA A 33 -0.87 -10.21 32.55
C ALA A 33 -0.29 -9.38 33.69
N LYS A 34 -0.53 -8.07 33.64
CA LYS A 34 0.00 -7.15 34.66
C LYS A 34 -0.45 -7.52 36.07
N ARG A 35 -1.68 -7.99 36.21
CA ARG A 35 -2.21 -8.37 37.51
C ARG A 35 -1.59 -9.67 38.02
N LYS A 36 -0.96 -10.43 37.13
CA LYS A 36 -0.35 -11.69 37.53
C LYS A 36 1.16 -11.60 37.67
N ASN A 37 1.81 -10.95 36.72
CA ASN A 37 3.26 -10.81 36.74
C ASN A 37 3.65 -9.44 36.22
N PRO A 38 3.49 -8.40 37.04
CA PRO A 38 3.82 -7.02 36.65
C PRO A 38 5.26 -6.84 36.18
N ARG A 39 6.17 -7.63 36.77
CA ARG A 39 7.57 -7.53 36.41
C ARG A 39 7.81 -7.98 34.98
N ALA A 40 7.13 -9.03 34.54
CA ALA A 40 7.28 -9.53 33.17
C ALA A 40 6.68 -8.52 32.19
N VAL A 41 5.55 -7.94 32.58
CA VAL A 41 4.90 -6.96 31.72
C VAL A 41 5.81 -5.75 31.58
N ASP A 42 6.52 -5.38 32.64
CA ASP A 42 7.43 -4.24 32.55
C ASP A 42 8.51 -4.52 31.51
N GLU A 43 9.03 -5.73 31.53
CA GLU A 43 10.06 -6.12 30.60
C GLU A 43 9.54 -6.03 29.17
N TRP A 44 8.34 -6.54 28.95
CA TRP A 44 7.74 -6.49 27.63
C TRP A 44 7.69 -5.03 27.17
N LEU A 45 7.29 -4.14 28.06
CA LEU A 45 7.20 -2.72 27.71
C LEU A 45 8.58 -2.12 27.36
N ARG A 46 9.59 -2.41 28.16
CA ARG A 46 10.94 -1.87 27.91
C ARG A 46 11.52 -2.29 26.57
N GLU A 47 11.24 -3.52 26.16
CA GLU A 47 11.76 -4.05 24.91
C GLU A 47 10.95 -3.66 23.68
N GLY A 48 9.96 -2.79 23.84
CA GLY A 48 9.16 -2.38 22.69
C GLY A 48 7.77 -2.97 22.59
N GLN A 49 7.29 -3.64 23.64
CA GLN A 49 5.95 -4.24 23.66
C GLN A 49 5.54 -4.86 22.33
N LYS A 50 6.38 -5.76 21.83
CA LYS A 50 6.14 -6.43 20.57
C LYS A 50 4.78 -7.13 20.51
N LYS A 51 4.10 -6.91 19.40
CA LYS A 51 2.80 -7.51 19.14
C LYS A 51 2.85 -8.12 17.74
N VAL A 52 2.22 -9.26 17.57
CA VAL A 52 2.14 -9.93 16.28
C VAL A 52 0.65 -10.19 16.07
N VAL A 53 0.16 -9.87 14.89
CA VAL A 53 -1.26 -10.04 14.59
C VAL A 53 -1.53 -11.19 13.63
N VAL A 54 -2.22 -12.20 14.15
CA VAL A 54 -2.59 -13.39 13.38
C VAL A 54 -4.11 -13.45 13.22
N LYS A 55 -4.59 -14.37 12.40
CA LYS A 55 -6.01 -14.52 12.17
C LYS A 55 -6.49 -15.96 12.33
N VAL A 56 -7.80 -16.10 12.50
CA VAL A 56 -8.47 -17.39 12.59
C VAL A 56 -9.66 -17.21 11.66
N ASN A 57 -10.24 -18.30 11.16
CA ASN A 57 -11.34 -18.17 10.21
C ASN A 57 -12.74 -18.56 10.68
N SER A 58 -12.94 -18.64 11.99
CA SER A 58 -14.25 -18.98 12.51
C SER A 58 -14.29 -18.67 13.99
N GLU A 59 -15.51 -18.57 14.54
CA GLU A 59 -15.68 -18.31 15.95
C GLU A 59 -15.20 -19.52 16.72
N LYS A 60 -15.47 -20.71 16.22
CA LYS A 60 -15.04 -21.92 16.90
C LYS A 60 -13.52 -21.91 17.05
N GLU A 61 -12.82 -21.50 15.99
CA GLU A 61 -11.36 -21.46 16.05
C GLU A 61 -10.87 -20.38 17.00
N LEU A 62 -11.58 -19.27 17.08
CA LEU A 62 -11.17 -18.20 17.99
C LEU A 62 -11.25 -18.73 19.43
N ILE A 63 -12.37 -19.38 19.73
CA ILE A 63 -12.61 -19.92 21.04
C ILE A 63 -11.62 -21.02 21.40
N ASP A 64 -11.27 -21.87 20.43
CA ASP A 64 -10.32 -22.94 20.67
C ASP A 64 -8.96 -22.35 21.09
N ILE A 65 -8.49 -21.35 20.36
CA ILE A 65 -7.20 -20.69 20.66
C ILE A 65 -7.22 -20.13 22.09
N TYR A 66 -8.32 -19.46 22.44
CA TYR A 66 -8.50 -18.87 23.77
C TYR A 66 -8.51 -19.92 24.87
N ASN A 67 -9.27 -21.00 24.66
CA ASN A 67 -9.35 -22.07 25.64
C ASN A 67 -7.96 -22.65 25.85
N LYS A 68 -7.23 -22.83 24.77
CA LYS A 68 -5.89 -23.39 24.86
C LYS A 68 -5.00 -22.49 25.70
N ALA A 69 -5.11 -21.18 25.51
CA ALA A 69 -4.30 -20.23 26.27
C ALA A 69 -4.67 -20.33 27.76
N ARG A 70 -5.95 -20.36 28.07
CA ARG A 70 -6.39 -20.46 29.46
C ARG A 70 -5.89 -21.77 30.07
N SER A 71 -6.01 -22.87 29.32
CA SER A 71 -5.57 -24.14 29.89
C SER A 71 -4.07 -24.14 30.16
N GLU A 72 -3.32 -23.45 29.27
CA GLU A 72 -1.88 -23.36 29.48
C GLU A 72 -1.53 -22.37 30.61
N GLY A 73 -2.56 -21.61 31.06
CA GLY A 73 -2.36 -20.69 32.18
C GLY A 73 -1.66 -19.39 31.77
N LEU A 74 -1.80 -19.00 30.51
CA LEU A 74 -1.17 -17.78 29.99
C LEU A 74 -2.12 -16.59 30.09
N PRO A 75 -1.58 -15.36 30.19
CA PRO A 75 -2.50 -14.21 30.27
C PRO A 75 -3.20 -14.11 28.92
N CYS A 76 -4.50 -13.86 28.93
CA CYS A 76 -5.20 -13.78 27.67
C CYS A 76 -6.55 -13.13 27.84
N SER A 77 -7.26 -12.96 26.73
CA SER A 77 -8.57 -12.34 26.78
C SER A 77 -9.37 -12.71 25.54
N ILE A 78 -10.69 -12.58 25.63
CA ILE A 78 -11.54 -12.86 24.48
C ILE A 78 -12.59 -11.75 24.51
N ILE A 79 -12.77 -11.10 23.36
CA ILE A 79 -13.67 -9.97 23.24
C ILE A 79 -14.99 -10.27 22.53
N ARG A 80 -16.06 -9.67 23.05
CA ARG A 80 -17.40 -9.81 22.48
C ARG A 80 -17.85 -8.42 22.03
N ASP A 81 -18.31 -8.33 20.79
CA ASP A 81 -18.77 -7.06 20.23
C ASP A 81 -20.24 -6.80 20.54
N ALA A 82 -20.61 -5.53 20.64
CA ALA A 82 -22.00 -5.16 20.92
C ALA A 82 -22.88 -5.44 19.70
N GLY A 90 -24.42 -10.00 17.81
CA GLY A 90 -23.41 -10.06 18.86
C GLY A 90 -22.49 -11.25 18.66
N THR A 91 -21.19 -11.04 18.78
CA THR A 91 -20.26 -12.14 18.59
C THR A 91 -18.88 -11.89 19.19
N LEU A 92 -18.10 -12.96 19.28
CA LEU A 92 -16.74 -12.90 19.80
C LEU A 92 -15.85 -12.50 18.62
N THR A 93 -15.21 -11.35 18.73
CA THR A 93 -14.40 -10.81 17.66
C THR A 93 -12.91 -11.03 17.67
N ALA A 94 -12.32 -11.10 18.86
CA ALA A 94 -10.88 -11.25 18.93
C ALA A 94 -10.37 -11.75 20.26
N VAL A 95 -9.12 -12.18 20.22
CA VAL A 95 -8.43 -12.70 21.39
C VAL A 95 -7.02 -12.14 21.40
N ALA A 96 -6.40 -12.13 22.55
CA ALA A 96 -5.03 -11.65 22.65
C ALA A 96 -4.40 -12.52 23.73
N ILE A 97 -3.15 -12.92 23.48
CA ILE A 97 -2.45 -13.74 24.44
C ILE A 97 -1.12 -13.06 24.74
N GLY A 98 -0.78 -12.99 26.02
CA GLY A 98 0.46 -12.34 26.43
C GLY A 98 0.21 -10.99 27.07
N PRO A 99 1.27 -10.23 27.34
CA PRO A 99 2.64 -10.63 27.04
C PRO A 99 3.12 -11.82 27.86
N GLU A 100 4.00 -12.61 27.25
CA GLU A 100 4.60 -13.79 27.87
C GLU A 100 5.82 -14.14 27.03
N LYS A 101 6.64 -15.07 27.52
CA LYS A 101 7.81 -15.51 26.79
C LYS A 101 7.31 -15.98 25.42
N ASP A 102 8.04 -15.62 24.37
CA ASP A 102 7.64 -15.98 23.00
C ASP A 102 7.31 -17.46 22.77
N GLU A 103 8.07 -18.37 23.37
CA GLU A 103 7.83 -19.79 23.16
C GLU A 103 6.56 -20.29 23.83
N LYS A 104 6.18 -19.68 24.95
CA LYS A 104 4.95 -20.11 25.61
C LYS A 104 3.75 -19.73 24.75
N ILE A 105 3.87 -18.63 24.01
CA ILE A 105 2.78 -18.18 23.16
C ILE A 105 2.76 -18.89 21.81
N ASP A 106 3.94 -19.05 21.19
CA ASP A 106 4.02 -19.73 19.89
C ASP A 106 3.47 -21.15 19.97
N LYS A 107 3.50 -21.71 21.17
CA LYS A 107 2.97 -23.04 21.40
C LYS A 107 1.52 -23.04 20.96
N ILE A 108 0.83 -21.96 21.30
CA ILE A 108 -0.60 -21.75 21.05
C ILE A 108 -0.90 -21.32 19.59
N THR A 109 -0.30 -20.20 19.24
CA THR A 109 -0.59 -19.56 17.97
C THR A 109 0.46 -19.68 16.87
N GLY A 110 1.54 -20.43 17.14
CA GLY A 110 2.61 -20.57 16.17
C GLY A 110 2.21 -20.98 14.77
N HIS A 111 1.16 -21.80 14.67
CA HIS A 111 0.70 -22.27 13.37
C HIS A 111 -0.23 -21.32 12.62
N LEU A 112 -0.75 -20.32 13.31
CA LEU A 112 -1.69 -19.38 12.68
C LEU A 112 -1.05 -18.49 11.63
N LYS A 113 -1.83 -18.08 10.65
CA LYS A 113 -1.32 -17.22 9.60
C LYS A 113 -1.49 -15.76 10.00
N LEU A 114 -0.61 -14.90 9.48
CA LEU A 114 -0.66 -13.47 9.79
C LEU A 114 -1.92 -12.86 9.19
N LEU A 115 -2.49 -11.87 9.86
CA LEU A 115 -3.69 -11.22 9.36
C LEU A 115 -3.33 -10.48 8.08
N MET B 1 -16.98 8.01 28.52
CA MET B 1 -15.50 7.91 28.32
C MET B 1 -15.23 7.16 27.02
N LYS B 2 -14.20 7.59 26.30
CA LYS B 2 -13.83 6.88 25.08
C LYS B 2 -12.42 7.25 24.67
N MET B 3 -11.80 6.38 23.87
CA MET B 3 -10.45 6.62 23.40
C MET B 3 -10.54 6.69 21.90
N VAL B 4 -9.84 7.66 21.32
CA VAL B 4 -9.86 7.77 19.87
C VAL B 4 -8.50 7.31 19.39
N VAL B 5 -8.50 6.42 18.41
CA VAL B 5 -7.25 5.92 17.84
C VAL B 5 -7.13 6.50 16.43
N VAL B 6 -6.02 7.18 16.16
CA VAL B 6 -5.79 7.80 14.87
C VAL B 6 -4.75 7.00 14.10
N ILE B 7 -5.15 6.47 12.95
CA ILE B 7 -4.28 5.66 12.11
C ILE B 7 -3.96 6.36 10.79
N ARG B 8 -2.69 6.37 10.41
CA ARG B 8 -2.33 6.97 9.13
C ARG B 8 -2.80 6.05 8.03
N ASN B 9 -3.40 6.63 7.01
CA ASN B 9 -3.92 5.87 5.88
C ASN B 9 -3.15 6.11 4.59
N ASP B 10 -2.00 6.77 4.69
CA ASP B 10 -1.18 7.07 3.52
C ASP B 10 0.12 6.29 3.48
N LEU B 11 0.30 5.38 4.43
CA LEU B 11 1.51 4.57 4.52
C LEU B 11 1.39 3.17 3.95
N GLY B 12 0.26 2.87 3.32
CA GLY B 12 0.07 1.55 2.75
C GLY B 12 0.07 0.43 3.78
N MET B 13 -0.15 0.76 5.05
CA MET B 13 -0.17 -0.27 6.09
C MET B 13 -1.26 -1.30 5.88
N GLY B 14 -0.89 -2.57 5.98
CA GLY B 14 -1.86 -3.64 5.83
C GLY B 14 -2.69 -3.75 7.09
N LYS B 15 -3.75 -4.57 7.05
CA LYS B 15 -4.63 -4.76 8.19
C LYS B 15 -3.94 -5.13 9.50
N GLY B 16 -3.00 -6.06 9.43
CA GLY B 16 -2.30 -6.48 10.63
C GLY B 16 -1.43 -5.38 11.21
N LYS B 17 -0.74 -4.69 10.32
CA LYS B 17 0.11 -3.60 10.74
C LYS B 17 -0.72 -2.55 11.48
N MET B 18 -1.89 -2.20 10.96
CA MET B 18 -2.75 -1.22 11.63
C MET B 18 -3.16 -1.65 13.04
N VAL B 19 -3.56 -2.90 13.21
CA VAL B 19 -3.96 -3.40 14.51
C VAL B 19 -2.78 -3.31 15.49
N ALA B 20 -1.60 -3.66 15.01
CA ALA B 20 -0.42 -3.64 15.86
C ALA B 20 -0.04 -2.19 16.23
N GLN B 21 0.08 -1.33 15.24
CA GLN B 21 0.48 0.05 15.50
C GLN B 21 -0.57 0.74 16.37
N GLY B 22 -1.85 0.53 16.00
CA GLY B 22 -2.91 1.06 16.83
C GLY B 22 -2.79 0.52 18.25
N GLY B 23 -2.38 -0.76 18.31
CA GLY B 23 -2.20 -1.41 19.60
C GLY B 23 -1.13 -0.73 20.45
N HIS B 24 0.01 -0.40 19.85
CA HIS B 24 1.06 0.26 20.63
C HIS B 24 0.52 1.62 21.11
N ALA B 25 -0.19 2.32 20.23
CA ALA B 25 -0.75 3.63 20.59
C ALA B 25 -1.72 3.50 21.75
N ILE B 26 -2.63 2.54 21.65
CA ILE B 26 -3.64 2.29 22.69
C ILE B 26 -2.99 2.00 24.05
N ILE B 27 -1.98 1.14 24.05
CA ILE B 27 -1.29 0.83 25.29
C ILE B 27 -0.63 2.10 25.85
N GLU B 28 0.06 2.85 24.99
CA GLU B 28 0.76 4.05 25.44
C GLU B 28 -0.15 5.15 25.98
N ALA B 29 -1.28 5.38 25.32
CA ALA B 29 -2.20 6.41 25.78
C ALA B 29 -2.82 5.96 27.09
N PHE B 30 -3.09 4.66 27.20
CA PHE B 30 -3.68 4.08 28.41
C PHE B 30 -2.78 4.32 29.62
N LEU B 31 -1.50 4.03 29.45
CA LEU B 31 -0.54 4.21 30.54
C LEU B 31 -0.44 5.68 30.93
N ASP B 32 -0.52 6.56 29.94
CA ASP B 32 -0.45 8.00 30.19
C ASP B 32 -1.69 8.45 30.94
N ALA B 33 -2.84 7.88 30.56
CA ALA B 33 -4.10 8.21 31.20
C ALA B 33 -4.17 7.65 32.61
N LYS B 34 -3.54 6.51 32.83
CA LYS B 34 -3.55 5.91 34.16
C LYS B 34 -2.80 6.76 35.19
N ARG B 35 -1.75 7.43 34.74
CA ARG B 35 -0.98 8.26 35.66
C ARG B 35 -1.59 9.65 35.76
N LYS B 36 -2.22 10.11 34.67
CA LYS B 36 -2.85 11.43 34.65
C LYS B 36 -4.28 11.48 35.21
N ASN B 37 -4.92 10.31 35.33
CA ASN B 37 -6.29 10.24 35.83
C ASN B 37 -6.75 8.79 35.93
N PRO B 38 -6.30 8.08 36.98
CA PRO B 38 -6.62 6.68 37.25
C PRO B 38 -8.11 6.39 37.31
N ARG B 39 -8.85 7.24 37.99
CA ARG B 39 -10.28 7.06 38.14
C ARG B 39 -11.02 7.02 36.81
N ALA B 40 -10.68 7.96 35.92
CA ALA B 40 -11.34 8.00 34.62
C ALA B 40 -11.07 6.73 33.82
N VAL B 41 -9.87 6.16 33.96
CA VAL B 41 -9.54 4.94 33.24
C VAL B 41 -10.43 3.78 33.71
N ASP B 42 -10.65 3.70 35.02
CA ASP B 42 -11.50 2.65 35.58
C ASP B 42 -12.91 2.75 35.03
N GLU B 43 -13.42 3.97 34.94
CA GLU B 43 -14.77 4.18 34.41
C GLU B 43 -14.79 3.73 32.95
N TRP B 44 -13.78 4.12 32.19
CA TRP B 44 -13.68 3.73 30.78
C TRP B 44 -13.76 2.20 30.71
N LEU B 45 -12.91 1.53 31.48
CA LEU B 45 -12.89 0.06 31.50
C LEU B 45 -14.26 -0.53 31.86
N ARG B 46 -14.87 -0.01 32.92
CA ARG B 46 -16.19 -0.49 33.32
C ARG B 46 -17.24 -0.33 32.22
N GLU B 47 -17.19 0.79 31.51
CA GLU B 47 -18.15 1.05 30.46
C GLU B 47 -17.86 0.35 29.12
N GLY B 48 -16.93 -0.60 29.12
CA GLY B 48 -16.63 -1.29 27.88
C GLY B 48 -15.52 -0.68 27.04
N GLN B 49 -14.69 0.14 27.69
CA GLN B 49 -13.55 0.79 27.06
C GLN B 49 -13.73 1.13 25.59
N LYS B 50 -14.79 1.88 25.30
CA LYS B 50 -15.09 2.26 23.94
C LYS B 50 -13.91 2.89 23.22
N LYS B 51 -13.71 2.49 21.98
CA LYS B 51 -12.63 3.03 21.16
C LYS B 51 -13.18 3.35 19.79
N VAL B 52 -12.82 4.50 19.26
CA VAL B 52 -13.28 4.88 17.93
C VAL B 52 -12.00 5.07 17.09
N VAL B 53 -11.97 4.47 15.91
CA VAL B 53 -10.80 4.56 15.08
C VAL B 53 -11.00 5.46 13.87
N VAL B 54 -10.23 6.53 13.84
CA VAL B 54 -10.30 7.48 12.75
C VAL B 54 -8.98 7.49 11.98
N LYS B 55 -8.94 8.20 10.87
CA LYS B 55 -7.74 8.25 10.05
C LYS B 55 -7.30 9.66 9.66
N VAL B 56 -6.01 9.81 9.39
CA VAL B 56 -5.46 11.08 8.92
C VAL B 56 -4.67 10.66 7.71
N ASN B 57 -4.28 11.59 6.85
CA ASN B 57 -3.54 11.17 5.67
C ASN B 57 -2.13 11.70 5.47
N SER B 58 -1.49 12.12 6.55
CA SER B 58 -0.12 12.60 6.47
C SER B 58 0.50 12.64 7.87
N GLU B 59 1.82 12.69 7.93
CA GLU B 59 2.51 12.78 9.22
C GLU B 59 2.11 14.10 9.88
N LYS B 60 2.10 15.17 9.09
CA LYS B 60 1.75 16.49 9.58
C LYS B 60 0.46 16.51 10.39
N GLU B 61 -0.61 15.96 9.80
CA GLU B 61 -1.90 15.92 10.47
C GLU B 61 -1.86 15.03 11.70
N LEU B 62 -1.12 13.92 11.61
CA LEU B 62 -1.02 13.02 12.76
C LEU B 62 -0.41 13.78 13.93
N ILE B 63 0.69 14.49 13.67
CA ILE B 63 1.38 15.26 14.69
C ILE B 63 0.52 16.40 15.23
N ASP B 64 -0.18 17.10 14.32
CA ASP B 64 -1.06 18.19 14.73
C ASP B 64 -2.11 17.68 15.70
N ILE B 65 -2.71 16.53 15.39
CA ILE B 65 -3.71 15.94 16.26
C ILE B 65 -3.12 15.64 17.63
N TYR B 66 -1.91 15.12 17.64
CA TYR B 66 -1.23 14.80 18.88
C TYR B 66 -0.97 16.09 19.66
N ASN B 67 -0.46 17.11 18.98
CA ASN B 67 -0.18 18.38 19.64
C ASN B 67 -1.45 18.96 20.26
N LYS B 68 -2.51 19.02 19.46
CA LYS B 68 -3.80 19.53 19.92
C LYS B 68 -4.23 18.82 21.20
N ALA B 69 -3.98 17.51 21.27
CA ALA B 69 -4.35 16.74 22.45
C ALA B 69 -3.49 17.12 23.64
N ARG B 70 -2.21 17.38 23.39
CA ARG B 70 -1.34 17.80 24.48
C ARG B 70 -1.73 19.21 24.94
N SER B 71 -1.98 20.09 23.97
CA SER B 71 -2.34 21.46 24.29
C SER B 71 -3.69 21.55 25.03
N GLU B 72 -4.40 20.40 25.06
CA GLU B 72 -5.68 20.36 25.76
C GLU B 72 -5.56 19.61 27.10
N GLY B 73 -4.36 19.04 27.34
CA GLY B 73 -4.11 18.35 28.61
C GLY B 73 -4.68 16.91 28.64
N LEU B 74 -5.00 16.36 27.47
CA LEU B 74 -5.54 15.01 27.39
C LEU B 74 -4.45 13.93 27.34
N PRO B 75 -4.72 12.74 27.92
CA PRO B 75 -3.72 11.67 27.89
C PRO B 75 -3.57 11.31 26.42
N CYS B 76 -2.36 11.00 25.97
CA CYS B 76 -2.21 10.67 24.56
C CYS B 76 -0.87 10.04 24.24
N SER B 77 -0.72 9.62 22.99
CA SER B 77 0.52 8.99 22.56
C SER B 77 0.70 9.11 21.07
N ILE B 78 1.93 8.96 20.64
CA ILE B 78 2.25 8.99 19.22
C ILE B 78 3.32 7.93 19.08
N ILE B 79 3.11 7.02 18.13
CA ILE B 79 4.01 5.88 17.90
C ILE B 79 4.92 5.99 16.69
N ARG B 80 6.14 5.50 16.83
CA ARG B 80 7.12 5.51 15.74
C ARG B 80 7.44 4.06 15.39
N ASP B 81 7.23 3.69 14.14
CA ASP B 81 7.50 2.32 13.72
C ASP B 81 8.88 2.22 13.08
N ALA B 82 9.72 1.35 13.65
CA ALA B 82 11.08 1.16 13.14
C ALA B 82 11.10 0.89 11.64
N GLY B 83 12.15 1.37 10.99
CA GLY B 83 12.34 1.23 9.55
C GLY B 83 11.94 -0.03 8.81
N HIS B 84 11.18 0.18 7.73
CA HIS B 84 10.70 -0.90 6.87
C HIS B 84 11.92 -1.71 6.43
N THR B 85 12.78 -1.08 5.65
CA THR B 85 14.05 -1.65 5.21
C THR B 85 15.24 -0.81 5.66
N GLN B 86 16.38 -1.48 5.86
CA GLN B 86 17.55 -0.73 6.30
C GLN B 86 17.91 0.41 5.34
N LEU B 87 17.07 0.55 4.28
CA LEU B 87 17.26 1.64 3.32
C LEU B 87 16.15 2.70 3.45
N GLU B 88 15.50 2.71 4.63
CA GLU B 88 14.44 3.68 4.87
C GLU B 88 14.23 3.93 6.36
N PRO B 89 13.93 5.18 6.74
CA PRO B 89 13.71 5.58 8.14
C PRO B 89 12.39 5.05 8.71
N GLY B 90 12.29 5.06 10.03
CA GLY B 90 11.07 4.63 10.68
C GLY B 90 10.00 5.67 10.40
N THR B 91 8.78 5.44 10.88
CA THR B 91 7.70 6.37 10.62
C THR B 91 6.71 6.50 11.78
N LEU B 92 6.07 7.66 11.89
CA LEU B 92 5.07 7.88 12.93
C LEU B 92 3.80 7.30 12.29
N THR B 93 3.37 6.17 12.83
CA THR B 93 2.22 5.46 12.30
C THR B 93 0.86 5.73 12.94
N ALA B 94 0.83 6.00 14.24
CA ALA B 94 -0.44 6.21 14.91
C ALA B 94 -0.41 7.04 16.17
N VAL B 95 -1.59 7.51 16.54
CA VAL B 95 -1.79 8.32 17.72
C VAL B 95 -3.03 7.83 18.45
N ALA B 96 -3.00 7.87 19.79
CA ALA B 96 -4.16 7.48 20.57
C ALA B 96 -4.36 8.59 21.57
N ILE B 97 -5.59 9.04 21.71
CA ILE B 97 -5.92 10.11 22.65
C ILE B 97 -7.02 9.59 23.57
N GLY B 98 -6.79 9.72 24.88
CA GLY B 98 -7.75 9.24 25.84
C GLY B 98 -7.19 8.07 26.63
N PRO B 99 -8.01 7.40 27.45
CA PRO B 99 -9.43 7.72 27.64
C PRO B 99 -9.70 9.00 28.40
N GLU B 100 -10.85 9.60 28.11
CA GLU B 100 -11.32 10.83 28.76
C GLU B 100 -12.77 11.06 28.34
N LYS B 101 -13.41 12.05 28.94
CA LYS B 101 -14.82 12.36 28.64
C LYS B 101 -15.01 12.52 27.14
N ASP B 102 -16.10 11.95 26.63
CA ASP B 102 -16.40 12.03 25.20
C ASP B 102 -16.35 13.46 24.67
N GLU B 103 -16.97 14.39 25.40
CA GLU B 103 -17.02 15.79 24.99
C GLU B 103 -15.64 16.31 24.63
N LYS B 104 -14.72 16.20 25.58
CA LYS B 104 -13.36 16.66 25.41
C LYS B 104 -12.70 16.08 24.17
N ILE B 105 -12.75 14.76 24.04
CA ILE B 105 -12.14 14.11 22.91
C ILE B 105 -12.73 14.52 21.57
N ASP B 106 -14.03 14.71 21.52
CA ASP B 106 -14.66 15.12 20.26
C ASP B 106 -14.18 16.51 19.90
N LYS B 107 -13.92 17.32 20.92
CA LYS B 107 -13.45 18.68 20.73
C LYS B 107 -12.19 18.68 19.88
N ILE B 108 -11.38 17.63 20.03
CA ILE B 108 -10.13 17.50 19.30
C ILE B 108 -10.18 16.69 18.01
N THR B 109 -10.79 15.50 18.06
CA THR B 109 -10.85 14.61 16.90
C THR B 109 -12.19 14.47 16.20
N GLY B 110 -13.23 15.10 16.73
CA GLY B 110 -14.55 14.99 16.14
C GLY B 110 -14.64 15.16 14.64
N HIS B 111 -13.77 15.96 14.06
CA HIS B 111 -13.81 16.19 12.61
C HIS B 111 -13.17 15.06 11.79
N LEU B 112 -12.43 14.17 12.43
CA LEU B 112 -11.76 13.10 11.68
C LEU B 112 -12.69 12.01 11.21
N LYS B 113 -12.47 11.53 10.00
CA LYS B 113 -13.29 10.47 9.43
C LYS B 113 -12.90 9.11 9.97
N LEU B 114 -13.88 8.22 10.10
CA LEU B 114 -13.61 6.88 10.60
C LEU B 114 -12.67 6.16 9.64
N LEU B 115 -11.82 5.30 10.17
CA LEU B 115 -10.89 4.55 9.33
C LEU B 115 -11.69 3.56 8.48
N MET C 1 -4.65 19.21 -9.23
CA MET C 1 -6.04 18.75 -9.53
C MET C 1 -5.99 17.36 -10.13
N LYS C 2 -7.04 16.57 -9.92
CA LYS C 2 -7.09 15.24 -10.50
C LYS C 2 -8.43 14.56 -10.31
N MET C 3 -8.65 13.54 -11.11
CA MET C 3 -9.86 12.75 -11.01
C MET C 3 -9.41 11.32 -10.82
N VAL C 4 -9.99 10.64 -9.85
CA VAL C 4 -9.65 9.26 -9.61
C VAL C 4 -10.78 8.41 -10.15
N VAL C 5 -10.45 7.48 -11.03
CA VAL C 5 -11.44 6.60 -11.62
C VAL C 5 -11.26 5.24 -10.95
N VAL C 6 -12.32 4.75 -10.33
CA VAL C 6 -12.29 3.48 -9.61
C VAL C 6 -13.01 2.41 -10.40
N ILE C 7 -12.25 1.40 -10.80
CA ILE C 7 -12.77 0.31 -11.61
C ILE C 7 -12.83 -0.99 -10.82
N ARG C 8 -13.97 -1.68 -10.88
CA ARG C 8 -14.08 -2.95 -10.20
C ARG C 8 -13.27 -3.97 -10.99
N ASN C 9 -12.36 -4.65 -10.30
CA ASN C 9 -11.49 -5.62 -10.93
C ASN C 9 -11.93 -7.08 -10.73
N ASP C 10 -13.17 -7.26 -10.30
CA ASP C 10 -13.68 -8.60 -10.05
C ASP C 10 -14.86 -8.98 -10.95
N LEU C 11 -15.11 -8.21 -12.01
CA LEU C 11 -16.24 -8.50 -12.90
C LEU C 11 -15.83 -9.09 -14.23
N GLY C 12 -14.58 -9.47 -14.36
CA GLY C 12 -14.10 -10.05 -15.60
C GLY C 12 -14.11 -9.08 -16.78
N MET C 13 -14.33 -7.79 -16.50
CA MET C 13 -14.40 -6.79 -17.55
C MET C 13 -13.17 -6.74 -18.46
N GLY C 14 -13.39 -6.78 -19.77
CA GLY C 14 -12.29 -6.72 -20.71
C GLY C 14 -11.83 -5.28 -20.89
N LYS C 15 -10.67 -5.09 -21.51
CA LYS C 15 -10.11 -3.75 -21.75
C LYS C 15 -11.14 -2.77 -22.33
N GLY C 16 -11.87 -3.23 -23.35
CA GLY C 16 -12.86 -2.39 -23.98
C GLY C 16 -14.01 -2.01 -23.08
N LYS C 17 -14.44 -2.93 -22.22
CA LYS C 17 -15.53 -2.67 -21.32
C LYS C 17 -15.09 -1.72 -20.22
N MET C 18 -13.87 -1.90 -19.75
CA MET C 18 -13.36 -1.01 -18.70
C MET C 18 -13.27 0.43 -19.20
N VAL C 19 -12.74 0.60 -20.41
CA VAL C 19 -12.62 1.94 -20.99
C VAL C 19 -13.99 2.59 -21.04
N ALA C 20 -14.97 1.83 -21.52
CA ALA C 20 -16.33 2.30 -21.63
C ALA C 20 -16.97 2.62 -20.28
N GLN C 21 -16.88 1.70 -19.32
CA GLN C 21 -17.49 1.95 -18.03
C GLN C 21 -16.77 3.07 -17.31
N GLY C 22 -15.44 3.00 -17.32
CA GLY C 22 -14.68 4.10 -16.74
C GLY C 22 -15.13 5.40 -17.40
N GLY C 23 -15.37 5.29 -18.71
CA GLY C 23 -15.77 6.45 -19.50
C GLY C 23 -17.09 7.08 -19.00
N HIS C 24 -18.07 6.26 -18.65
CA HIS C 24 -19.34 6.79 -18.16
C HIS C 24 -19.13 7.50 -16.82
N ALA C 25 -18.32 6.90 -15.96
CA ALA C 25 -18.06 7.47 -14.64
C ALA C 25 -17.37 8.83 -14.74
N ILE C 26 -16.47 8.95 -15.72
CA ILE C 26 -15.71 10.18 -15.93
C ILE C 26 -16.62 11.33 -16.35
N ILE C 27 -17.43 11.09 -17.37
CA ILE C 27 -18.42 12.03 -17.85
C ILE C 27 -19.34 12.51 -16.72
N GLU C 28 -19.88 11.51 -16.03
CA GLU C 28 -20.84 11.79 -14.96
C GLU C 28 -20.23 12.60 -13.82
N ALA C 29 -19.02 12.28 -13.42
CA ALA C 29 -18.34 13.01 -12.36
C ALA C 29 -18.00 14.41 -12.88
N PHE C 30 -17.57 14.48 -14.14
CA PHE C 30 -17.24 15.75 -14.77
C PHE C 30 -18.44 16.68 -14.71
N LEU C 31 -19.60 16.16 -15.11
CA LEU C 31 -20.85 16.92 -15.10
C LEU C 31 -21.22 17.37 -13.69
N ASP C 32 -20.92 16.50 -12.72
CA ASP C 32 -21.22 16.78 -11.31
C ASP C 32 -20.31 17.88 -10.77
N ALA C 33 -19.07 17.89 -11.21
CA ALA C 33 -18.11 18.88 -10.77
C ALA C 33 -18.40 20.23 -11.42
N LYS C 34 -18.93 20.20 -12.64
CA LYS C 34 -19.24 21.42 -13.37
C LYS C 34 -20.40 22.19 -12.73
N ARG C 35 -21.10 21.51 -11.81
CA ARG C 35 -22.20 22.13 -11.11
C ARG C 35 -21.77 22.46 -9.70
N LYS C 36 -21.01 21.57 -9.09
CA LYS C 36 -20.54 21.79 -7.73
C LYS C 36 -19.43 22.84 -7.65
N ASN C 37 -18.63 22.95 -8.76
CA ASN C 37 -17.53 23.93 -8.77
C ASN C 37 -16.78 23.90 -10.09
N PRO C 38 -17.34 24.60 -11.09
CA PRO C 38 -16.72 24.71 -12.41
C PRO C 38 -15.36 25.44 -12.37
N ARG C 39 -14.95 25.77 -11.15
CA ARG C 39 -13.69 26.46 -10.90
C ARG C 39 -12.55 25.46 -10.94
N ALA C 40 -12.67 24.41 -10.14
CA ALA C 40 -11.66 23.37 -10.07
C ALA C 40 -11.64 22.61 -11.40
N VAL C 41 -12.77 22.62 -12.10
CA VAL C 41 -12.86 21.93 -13.39
C VAL C 41 -11.93 22.62 -14.40
N ASP C 42 -12.22 23.88 -14.70
CA ASP C 42 -11.42 24.66 -15.65
C ASP C 42 -9.93 24.52 -15.34
N GLU C 43 -9.60 24.54 -14.05
CA GLU C 43 -8.23 24.42 -13.60
C GLU C 43 -7.69 23.01 -13.86
N TRP C 44 -8.55 22.03 -13.64
CA TRP C 44 -8.18 20.64 -13.88
C TRP C 44 -7.85 20.52 -15.36
N LEU C 45 -8.75 21.04 -16.18
CA LEU C 45 -8.60 21.00 -17.63
C LEU C 45 -7.33 21.66 -18.15
N ARG C 46 -7.16 22.95 -17.88
CA ARG C 46 -5.97 23.62 -18.39
C ARG C 46 -4.67 22.98 -17.88
N GLU C 47 -4.74 22.26 -16.76
CA GLU C 47 -3.56 21.62 -16.23
C GLU C 47 -3.40 20.18 -16.75
N GLY C 48 -4.21 19.82 -17.74
CA GLY C 48 -4.09 18.49 -18.32
C GLY C 48 -5.03 17.40 -17.82
N GLN C 49 -6.13 17.81 -17.19
CA GLN C 49 -7.14 16.89 -16.65
C GLN C 49 -6.60 15.53 -16.23
N LYS C 50 -5.68 15.54 -15.27
CA LYS C 50 -5.08 14.31 -14.79
C LYS C 50 -6.13 13.33 -14.29
N LYS C 51 -5.92 12.06 -14.62
CA LYS C 51 -6.83 11.01 -14.19
C LYS C 51 -5.99 9.83 -13.69
N VAL C 52 -6.28 9.35 -12.50
CA VAL C 52 -5.55 8.21 -11.97
C VAL C 52 -6.58 7.08 -11.86
N VAL C 53 -6.22 5.89 -12.32
CA VAL C 53 -7.14 4.76 -12.29
C VAL C 53 -6.72 3.70 -11.28
N VAL C 54 -7.54 3.53 -10.25
CA VAL C 54 -7.27 2.52 -9.22
C VAL C 54 -8.36 1.47 -9.29
N LYS C 55 -8.31 0.49 -8.39
CA LYS C 55 -9.31 -0.57 -8.39
C LYS C 55 -9.81 -0.94 -7.01
N VAL C 56 -10.95 -1.64 -7.00
CA VAL C 56 -11.57 -2.17 -5.79
C VAL C 56 -11.93 -3.58 -6.21
N ASN C 57 -12.28 -4.44 -5.26
CA ASN C 57 -12.57 -5.83 -5.60
C ASN C 57 -13.93 -6.37 -5.22
N SER C 58 -14.93 -5.51 -5.11
CA SER C 58 -16.27 -5.95 -4.76
C SER C 58 -17.21 -4.76 -4.86
N GLU C 59 -18.48 -5.05 -5.10
CA GLU C 59 -19.48 -4.00 -5.20
C GLU C 59 -19.51 -3.20 -3.90
N LYS C 60 -19.48 -3.91 -2.79
CA LYS C 60 -19.49 -3.28 -1.47
C LYS C 60 -18.35 -2.27 -1.34
N GLU C 61 -17.17 -2.65 -1.81
CA GLU C 61 -16.02 -1.75 -1.73
C GLU C 61 -16.27 -0.52 -2.62
N LEU C 62 -16.81 -0.72 -3.82
CA LEU C 62 -17.07 0.40 -4.72
C LEU C 62 -18.04 1.40 -4.08
N ILE C 63 -19.12 0.87 -3.51
CA ILE C 63 -20.14 1.69 -2.86
C ILE C 63 -19.57 2.50 -1.71
N ASP C 64 -18.77 1.84 -0.87
CA ASP C 64 -18.15 2.51 0.28
C ASP C 64 -17.26 3.67 -0.18
N ILE C 65 -16.52 3.47 -1.27
CA ILE C 65 -15.66 4.52 -1.80
C ILE C 65 -16.52 5.69 -2.23
N TYR C 66 -17.60 5.37 -2.92
CA TYR C 66 -18.54 6.37 -3.40
C TYR C 66 -19.22 7.14 -2.27
N ASN C 67 -19.73 6.43 -1.27
CA ASN C 67 -20.42 7.08 -0.16
C ASN C 67 -19.53 8.09 0.57
N LYS C 68 -18.30 7.71 0.85
CA LYS C 68 -17.38 8.60 1.57
C LYS C 68 -17.05 9.84 0.74
N ALA C 69 -16.97 9.67 -0.57
CA ALA C 69 -16.67 10.78 -1.46
C ALA C 69 -17.85 11.75 -1.43
N ARG C 70 -19.05 11.19 -1.49
CA ARG C 70 -20.28 11.98 -1.46
C ARG C 70 -20.38 12.82 -0.20
N SER C 71 -20.32 12.16 0.94
CA SER C 71 -20.43 12.82 2.23
C SER C 71 -19.43 13.96 2.41
N GLU C 72 -18.20 13.76 1.93
CA GLU C 72 -17.15 14.77 2.06
C GLU C 72 -17.37 15.95 1.10
N GLY C 73 -18.42 15.89 0.29
CA GLY C 73 -18.71 16.98 -0.62
C GLY C 73 -18.07 16.93 -2.00
N LEU C 74 -17.25 15.93 -2.26
CA LEU C 74 -16.55 15.79 -3.54
C LEU C 74 -17.48 15.44 -4.70
N PRO C 75 -17.17 15.97 -5.90
CA PRO C 75 -17.98 15.66 -7.07
C PRO C 75 -17.69 14.19 -7.36
N CYS C 76 -18.70 13.41 -7.73
CA CYS C 76 -18.46 12.01 -8.01
C CYS C 76 -19.62 11.36 -8.75
N SER C 77 -19.47 10.07 -9.06
CA SER C 77 -20.50 9.32 -9.76
C SER C 77 -20.29 7.82 -9.53
N ILE C 78 -21.33 7.04 -9.78
CA ILE C 78 -21.26 5.60 -9.65
C ILE C 78 -22.08 5.06 -10.79
N ILE C 79 -21.47 4.17 -11.57
CA ILE C 79 -22.10 3.64 -12.76
C ILE C 79 -22.74 2.26 -12.64
N ARG C 80 -23.93 2.13 -13.23
CA ARG C 80 -24.63 0.87 -13.22
C ARG C 80 -24.73 0.34 -14.63
N ASP C 81 -24.34 -0.91 -14.81
CA ASP C 81 -24.42 -1.54 -16.10
C ASP C 81 -25.51 -2.59 -16.06
N ALA C 82 -26.47 -2.48 -16.97
CA ALA C 82 -27.57 -3.43 -17.05
C ALA C 82 -27.22 -4.58 -18.00
N GLY C 83 -28.21 -5.39 -18.33
CA GLY C 83 -27.99 -6.51 -19.24
C GLY C 83 -28.73 -6.33 -20.55
N HIS C 84 -28.67 -7.35 -21.39
CA HIS C 84 -29.31 -7.35 -22.71
C HIS C 84 -30.74 -7.86 -22.59
N PRO C 89 -25.98 -9.75 -15.15
CA PRO C 89 -26.99 -8.97 -14.42
C PRO C 89 -26.53 -7.57 -14.06
N GLY C 90 -27.49 -6.73 -13.67
CA GLY C 90 -27.13 -5.37 -13.30
C GLY C 90 -26.18 -5.30 -12.13
N THR C 91 -25.24 -4.37 -12.17
CA THR C 91 -24.29 -4.18 -11.09
C THR C 91 -23.54 -2.86 -11.27
N LEU C 92 -22.99 -2.37 -10.16
CA LEU C 92 -22.23 -1.13 -10.17
C LEU C 92 -20.81 -1.45 -10.61
N THR C 93 -20.41 -0.89 -11.75
CA THR C 93 -19.09 -1.16 -12.33
C THR C 93 -17.96 -0.19 -12.03
N ALA C 94 -18.28 1.08 -11.91
CA ALA C 94 -17.25 2.06 -11.70
C ALA C 94 -17.71 3.30 -10.97
N VAL C 95 -16.73 4.07 -10.53
CA VAL C 95 -16.97 5.31 -9.80
C VAL C 95 -15.89 6.28 -10.25
N ALA C 96 -16.19 7.57 -10.20
CA ALA C 96 -15.20 8.59 -10.55
C ALA C 96 -15.39 9.64 -9.49
N ILE C 97 -14.28 10.10 -8.93
CA ILE C 97 -14.29 11.13 -7.90
C ILE C 97 -13.48 12.32 -8.41
N GLY C 98 -14.07 13.51 -8.31
CA GLY C 98 -13.38 14.70 -8.76
C GLY C 98 -13.93 15.24 -10.07
N PRO C 99 -13.19 16.14 -10.73
CA PRO C 99 -11.89 16.66 -10.29
C PRO C 99 -11.95 17.49 -9.02
N GLU C 100 -10.84 17.48 -8.28
CA GLU C 100 -10.72 18.23 -7.03
C GLU C 100 -9.25 18.19 -6.65
N LYS C 101 -8.87 18.95 -5.63
CA LYS C 101 -7.49 18.99 -5.17
C LYS C 101 -7.02 17.60 -4.80
N ASP C 102 -5.80 17.26 -5.18
CA ASP C 102 -5.24 15.95 -4.89
C ASP C 102 -5.47 15.55 -3.42
N GLU C 103 -5.10 16.43 -2.50
CA GLU C 103 -5.26 16.16 -1.08
C GLU C 103 -6.67 15.74 -0.70
N LYS C 104 -7.66 16.49 -1.16
CA LYS C 104 -9.04 16.17 -0.85
C LYS C 104 -9.46 14.79 -1.34
N ILE C 105 -8.99 14.41 -2.53
CA ILE C 105 -9.35 13.12 -3.08
C ILE C 105 -8.51 11.98 -2.52
N ASP C 106 -7.24 12.24 -2.23
CA ASP C 106 -6.38 11.18 -1.69
C ASP C 106 -6.87 10.63 -0.34
N LYS C 107 -7.67 11.41 0.38
CA LYS C 107 -8.19 10.97 1.67
C LYS C 107 -9.15 9.79 1.48
N ILE C 108 -9.98 9.88 0.44
CA ILE C 108 -10.93 8.83 0.13
C ILE C 108 -10.32 7.65 -0.60
N THR C 109 -9.47 7.93 -1.58
CA THR C 109 -8.88 6.87 -2.41
C THR C 109 -7.38 6.63 -2.34
N GLY C 110 -6.69 7.40 -1.52
CA GLY C 110 -5.24 7.27 -1.41
C GLY C 110 -4.72 5.86 -1.13
N HIS C 111 -5.51 5.06 -0.43
CA HIS C 111 -5.09 3.71 -0.08
C HIS C 111 -5.30 2.66 -1.19
N LEU C 112 -6.20 2.93 -2.11
CA LEU C 112 -6.49 1.98 -3.18
C LEU C 112 -5.30 1.73 -4.11
N LYS C 113 -5.21 0.52 -4.61
CA LYS C 113 -4.15 0.11 -5.52
C LYS C 113 -4.49 0.51 -6.94
N LEU C 114 -3.47 0.67 -7.77
CA LEU C 114 -3.68 1.03 -9.17
C LEU C 114 -4.26 -0.17 -9.91
N LEU C 115 -5.07 0.09 -10.93
CA LEU C 115 -5.65 -0.99 -11.70
C LEU C 115 -4.56 -1.61 -12.58
N MET D 1 -27.38 7.03 -31.45
CA MET D 1 -26.12 7.81 -31.31
C MET D 1 -25.12 7.12 -30.39
N LYS D 2 -23.85 7.40 -30.61
CA LYS D 2 -22.79 6.79 -29.83
C LYS D 2 -21.47 7.56 -29.97
N MET D 3 -20.49 7.15 -29.18
CA MET D 3 -19.15 7.73 -29.24
C MET D 3 -18.24 6.52 -29.42
N VAL D 4 -17.36 6.56 -30.41
CA VAL D 4 -16.45 5.46 -30.61
C VAL D 4 -15.10 5.87 -30.06
N VAL D 5 -14.56 5.07 -29.14
CA VAL D 5 -13.26 5.38 -28.55
C VAL D 5 -12.20 4.50 -29.18
N VAL D 6 -11.24 5.14 -29.85
CA VAL D 6 -10.17 4.42 -30.52
C VAL D 6 -8.94 4.38 -29.63
N ILE D 7 -8.54 3.16 -29.28
CA ILE D 7 -7.39 2.94 -28.41
C ILE D 7 -6.26 2.22 -29.15
N ARG D 8 -5.06 2.77 -29.06
CA ARG D 8 -3.90 2.12 -29.69
C ARG D 8 -3.55 0.90 -28.89
N ASN D 9 -3.49 -0.24 -29.57
CA ASN D 9 -3.18 -1.50 -28.93
C ASN D 9 -1.73 -1.92 -29.11
N ASP D 10 -0.98 -1.15 -29.88
CA ASP D 10 0.43 -1.46 -30.15
C ASP D 10 1.42 -0.85 -29.16
N LEU D 11 0.93 0.07 -28.32
CA LEU D 11 1.81 0.72 -27.36
C LEU D 11 2.07 -0.08 -26.10
N GLY D 12 1.21 -1.06 -25.82
CA GLY D 12 1.40 -1.85 -24.61
C GLY D 12 0.81 -1.15 -23.40
N MET D 13 -0.16 -0.27 -23.65
CA MET D 13 -0.81 0.45 -22.55
C MET D 13 -1.55 -0.56 -21.67
N GLY D 14 -1.43 -0.40 -20.36
CA GLY D 14 -2.10 -1.28 -19.44
C GLY D 14 -3.56 -0.88 -19.30
N LYS D 15 -4.32 -1.65 -18.54
CA LYS D 15 -5.73 -1.35 -18.35
C LYS D 15 -5.95 0.05 -17.79
N GLY D 16 -5.22 0.37 -16.72
CA GLY D 16 -5.37 1.68 -16.12
C GLY D 16 -5.07 2.79 -17.10
N LYS D 17 -3.95 2.67 -17.79
CA LYS D 17 -3.53 3.66 -18.77
C LYS D 17 -4.58 3.81 -19.85
N MET D 18 -5.13 2.69 -20.33
CA MET D 18 -6.15 2.77 -21.36
C MET D 18 -7.40 3.49 -20.88
N VAL D 19 -7.78 3.26 -19.62
CA VAL D 19 -8.96 3.92 -19.06
C VAL D 19 -8.72 5.43 -18.99
N ALA D 20 -7.52 5.81 -18.55
CA ALA D 20 -7.14 7.22 -18.44
C ALA D 20 -7.02 7.92 -19.79
N GLN D 21 -6.34 7.29 -20.74
CA GLN D 21 -6.17 7.94 -22.05
C GLN D 21 -7.49 7.97 -22.82
N GLY D 22 -8.23 6.83 -22.74
CA GLY D 22 -9.55 6.85 -23.35
C GLY D 22 -10.41 7.93 -22.70
N GLY D 23 -10.19 8.06 -21.38
CA GLY D 23 -10.92 9.05 -20.62
C GLY D 23 -10.61 10.47 -21.11
N HIS D 24 -9.34 10.75 -21.43
CA HIS D 24 -8.96 12.10 -21.91
C HIS D 24 -9.64 12.33 -23.25
N ALA D 25 -9.60 11.31 -24.12
CA ALA D 25 -10.21 11.39 -25.44
C ALA D 25 -11.70 11.61 -25.32
N ILE D 26 -12.32 10.91 -24.37
CA ILE D 26 -13.75 11.02 -24.15
C ILE D 26 -14.16 12.43 -23.76
N ILE D 27 -13.48 12.99 -22.77
CA ILE D 27 -13.78 14.35 -22.33
C ILE D 27 -13.55 15.38 -23.44
N GLU D 28 -12.46 15.18 -24.17
CA GLU D 28 -12.10 16.11 -25.23
C GLU D 28 -13.06 16.04 -26.41
N ALA D 29 -13.52 14.85 -26.76
CA ALA D 29 -14.47 14.71 -27.86
C ALA D 29 -15.81 15.28 -27.38
N PHE D 30 -16.13 15.02 -26.12
CA PHE D 30 -17.37 15.49 -25.52
C PHE D 30 -17.42 17.02 -25.57
N LEU D 31 -16.36 17.66 -25.12
CA LEU D 31 -16.29 19.12 -25.11
C LEU D 31 -16.38 19.69 -26.51
N ASP D 32 -15.80 18.97 -27.48
CA ASP D 32 -15.82 19.41 -28.87
C ASP D 32 -17.20 19.25 -29.46
N ALA D 33 -17.86 18.16 -29.08
CA ALA D 33 -19.20 17.86 -29.58
C ALA D 33 -20.24 18.84 -29.08
N LYS D 34 -20.09 19.31 -27.83
CA LYS D 34 -21.09 20.22 -27.27
C LYS D 34 -21.00 21.64 -27.84
N ARG D 35 -20.02 21.88 -28.74
CA ARG D 35 -19.96 23.19 -29.37
C ARG D 35 -20.29 23.12 -30.87
N LYS D 36 -20.19 21.90 -31.41
CA LYS D 36 -20.57 21.68 -32.80
C LYS D 36 -22.04 21.24 -32.90
N ASN D 37 -22.48 20.44 -31.95
CA ASN D 37 -23.87 19.96 -31.91
C ASN D 37 -24.20 19.71 -30.45
N PRO D 38 -24.64 20.76 -29.74
CA PRO D 38 -25.03 20.84 -28.32
C PRO D 38 -26.02 19.73 -27.85
N ARG D 39 -27.27 19.76 -28.38
CA ARG D 39 -28.27 18.82 -27.86
C ARG D 39 -28.22 17.45 -28.53
N ALA D 40 -27.45 17.37 -29.63
CA ALA D 40 -27.10 16.05 -30.14
C ALA D 40 -26.37 15.29 -29.02
N VAL D 41 -25.54 16.05 -28.29
CA VAL D 41 -24.92 15.50 -27.08
C VAL D 41 -25.98 15.24 -26.02
N ASP D 42 -26.87 16.23 -25.84
CA ASP D 42 -27.98 16.06 -24.91
C ASP D 42 -28.67 14.72 -25.15
N GLU D 43 -28.98 14.47 -26.41
CA GLU D 43 -29.63 13.24 -26.81
C GLU D 43 -28.77 12.05 -26.37
N TRP D 44 -27.48 12.11 -26.64
CA TRP D 44 -26.54 11.05 -26.27
C TRP D 44 -26.66 10.68 -24.79
N LEU D 45 -26.61 11.70 -23.94
CA LEU D 45 -26.69 11.50 -22.49
C LEU D 45 -27.95 10.81 -21.97
N ARG D 46 -29.11 11.34 -22.32
CA ARG D 46 -30.36 10.75 -21.88
C ARG D 46 -30.56 9.34 -22.42
N GLU D 47 -29.76 8.97 -23.41
CA GLU D 47 -29.85 7.64 -24.01
C GLU D 47 -28.81 6.66 -23.50
N GLY D 48 -28.14 7.02 -22.40
CA GLY D 48 -27.13 6.15 -21.83
C GLY D 48 -25.71 6.38 -22.30
N GLN D 49 -25.48 7.53 -22.96
CA GLN D 49 -24.18 7.89 -23.50
C GLN D 49 -23.37 6.71 -24.02
N LYS D 50 -24.00 5.89 -24.86
CA LYS D 50 -23.35 4.72 -25.43
C LYS D 50 -21.95 5.04 -25.94
N LYS D 51 -21.04 4.09 -25.77
CA LYS D 51 -19.67 4.24 -26.21
C LYS D 51 -19.20 2.88 -26.66
N VAL D 52 -18.52 2.83 -27.80
CA VAL D 52 -17.97 1.58 -28.29
C VAL D 52 -16.46 1.77 -28.32
N VAL D 53 -15.71 0.79 -27.86
CA VAL D 53 -14.26 0.92 -27.84
C VAL D 53 -13.56 0.00 -28.83
N VAL D 54 -12.93 0.61 -29.82
CA VAL D 54 -12.22 -0.13 -30.86
C VAL D 54 -10.72 0.11 -30.77
N LYS D 55 -9.95 -0.53 -31.64
CA LYS D 55 -8.51 -0.38 -31.60
C LYS D 55 -7.85 -0.23 -32.96
N VAL D 56 -6.66 0.36 -32.96
CA VAL D 56 -5.86 0.54 -34.17
C VAL D 56 -4.50 0.00 -33.73
N ASN D 57 -3.59 -0.23 -34.67
CA ASN D 57 -2.31 -0.80 -34.28
C ASN D 57 -1.07 0.02 -34.61
N SER D 58 -1.23 1.33 -34.77
CA SER D 58 -0.09 2.20 -35.06
C SER D 58 -0.51 3.65 -34.93
N GLU D 59 0.46 4.53 -34.74
CA GLU D 59 0.17 5.94 -34.61
C GLU D 59 -0.48 6.44 -35.89
N LYS D 60 0.05 6.04 -37.03
CA LYS D 60 -0.50 6.47 -38.31
C LYS D 60 -1.97 6.09 -38.48
N GLU D 61 -2.31 4.84 -38.16
CA GLU D 61 -3.70 4.41 -38.28
C GLU D 61 -4.54 5.30 -37.36
N LEU D 62 -4.03 5.54 -36.15
CA LEU D 62 -4.73 6.39 -35.18
C LEU D 62 -4.97 7.76 -35.79
N ILE D 63 -3.90 8.38 -36.32
CA ILE D 63 -4.02 9.70 -36.94
C ILE D 63 -5.02 9.64 -38.10
N ASP D 64 -4.93 8.58 -38.91
CA ASP D 64 -5.82 8.39 -40.04
C ASP D 64 -7.27 8.51 -39.62
N ILE D 65 -7.65 7.76 -38.59
CA ILE D 65 -9.02 7.78 -38.11
C ILE D 65 -9.42 9.18 -37.68
N TYR D 66 -8.55 9.84 -36.92
CA TYR D 66 -8.84 11.20 -36.48
C TYR D 66 -9.06 12.09 -37.68
N ASN D 67 -8.20 11.94 -38.69
CA ASN D 67 -8.32 12.73 -39.91
C ASN D 67 -9.70 12.53 -40.54
N LYS D 68 -10.11 11.28 -40.68
CA LYS D 68 -11.41 10.98 -41.26
C LYS D 68 -12.53 11.64 -40.48
N ALA D 69 -12.51 11.50 -39.16
CA ALA D 69 -13.54 12.10 -38.33
C ALA D 69 -13.58 13.59 -38.60
N ARG D 70 -12.42 14.17 -38.88
CA ARG D 70 -12.33 15.60 -39.16
C ARG D 70 -12.91 15.94 -40.53
N SER D 71 -12.37 15.30 -41.56
CA SER D 71 -12.84 15.54 -42.92
C SER D 71 -14.34 15.23 -43.08
N GLU D 72 -14.97 14.79 -41.99
CA GLU D 72 -16.40 14.46 -42.00
C GLU D 72 -17.23 15.41 -41.15
N GLY D 73 -16.58 16.30 -40.42
CA GLY D 73 -17.31 17.25 -39.59
C GLY D 73 -17.81 16.65 -38.28
N LEU D 74 -17.28 15.48 -37.92
CA LEU D 74 -17.70 14.82 -36.69
C LEU D 74 -16.86 15.28 -35.51
N PRO D 75 -17.50 15.53 -34.35
CA PRO D 75 -16.73 15.98 -33.18
C PRO D 75 -15.70 14.89 -32.91
N CYS D 76 -14.52 15.27 -32.44
CA CYS D 76 -13.50 14.28 -32.18
C CYS D 76 -12.34 14.86 -31.42
N SER D 77 -11.36 14.01 -31.10
CA SER D 77 -10.19 14.42 -30.37
C SER D 77 -9.11 13.37 -30.55
N ILE D 78 -7.86 13.78 -30.39
CA ILE D 78 -6.74 12.88 -30.48
C ILE D 78 -5.93 13.31 -29.27
N ILE D 79 -5.44 12.34 -28.51
CA ILE D 79 -4.73 12.63 -27.25
C ILE D 79 -3.24 12.36 -27.24
N ARG D 80 -2.49 13.30 -26.69
CA ARG D 80 -1.05 13.12 -26.58
C ARG D 80 -0.72 12.85 -25.13
N ASP D 81 -0.12 11.69 -24.88
CA ASP D 81 0.26 11.31 -23.53
C ASP D 81 1.61 11.96 -23.29
N ALA D 82 2.03 12.03 -22.03
CA ALA D 82 3.30 12.65 -21.71
C ALA D 82 4.29 11.57 -21.28
N GLY D 83 5.48 11.59 -21.85
CA GLY D 83 6.47 10.62 -21.44
C GLY D 83 6.55 10.68 -19.92
N HIS D 84 6.94 9.59 -19.28
CA HIS D 84 7.05 9.56 -17.83
C HIS D 84 8.35 10.24 -17.38
N THR D 85 9.39 10.12 -18.19
CA THR D 85 10.67 10.73 -17.88
C THR D 85 11.31 11.26 -19.16
N GLN D 86 12.45 11.93 -19.02
CA GLN D 86 13.16 12.50 -20.17
C GLN D 86 13.67 11.47 -21.16
N LEU D 87 13.71 10.21 -20.74
CA LEU D 87 14.19 9.14 -21.59
C LEU D 87 13.19 8.73 -22.67
N GLU D 88 12.07 9.43 -22.76
CA GLU D 88 11.06 9.10 -23.77
C GLU D 88 10.13 10.25 -24.12
N PRO D 89 9.78 10.36 -25.41
CA PRO D 89 8.88 11.44 -25.82
C PRO D 89 7.43 11.06 -25.58
N GLY D 90 6.55 12.06 -25.57
CA GLY D 90 5.15 11.78 -25.39
C GLY D 90 4.69 10.92 -26.55
N THR D 91 3.46 10.43 -26.50
CA THR D 91 2.95 9.59 -27.56
C THR D 91 1.44 9.78 -27.74
N LEU D 92 0.97 9.66 -28.98
CA LEU D 92 -0.45 9.79 -29.27
C LEU D 92 -1.07 8.45 -28.88
N THR D 93 -1.95 8.47 -27.88
CA THR D 93 -2.54 7.24 -27.34
C THR D 93 -3.97 6.87 -27.75
N ALA D 94 -4.82 7.86 -27.92
CA ALA D 94 -6.21 7.58 -28.24
C ALA D 94 -6.94 8.67 -28.99
N VAL D 95 -8.11 8.30 -29.49
CA VAL D 95 -8.96 9.20 -30.24
C VAL D 95 -10.41 8.89 -29.88
N ALA D 96 -11.22 9.93 -29.80
CA ALA D 96 -12.64 9.77 -29.50
C ALA D 96 -13.41 10.45 -30.61
N ILE D 97 -14.48 9.82 -31.05
CA ILE D 97 -15.28 10.39 -32.13
C ILE D 97 -16.73 10.43 -31.74
N GLY D 98 -17.29 11.63 -31.66
CA GLY D 98 -18.69 11.76 -31.30
C GLY D 98 -18.89 12.52 -30.01
N PRO D 99 -20.09 12.42 -29.41
CA PRO D 99 -21.22 11.63 -29.93
C PRO D 99 -21.79 12.15 -31.25
N GLU D 100 -22.32 11.23 -32.05
CA GLU D 100 -22.94 11.55 -33.33
C GLU D 100 -23.88 10.40 -33.69
N LYS D 101 -24.47 10.43 -34.89
CA LYS D 101 -25.37 9.35 -35.30
C LYS D 101 -24.54 8.15 -35.72
N ASP D 102 -24.99 6.97 -35.31
CA ASP D 102 -24.29 5.73 -35.63
C ASP D 102 -23.92 5.68 -37.10
N GLU D 103 -24.86 6.06 -37.96
CA GLU D 103 -24.62 6.04 -39.40
C GLU D 103 -23.33 6.76 -39.80
N LYS D 104 -23.21 8.04 -39.43
CA LYS D 104 -22.01 8.81 -39.78
C LYS D 104 -20.71 8.21 -39.25
N ILE D 105 -20.69 7.89 -37.96
CA ILE D 105 -19.49 7.33 -37.34
C ILE D 105 -19.09 5.96 -37.90
N ASP D 106 -20.06 5.09 -38.12
CA ASP D 106 -19.76 3.76 -38.63
C ASP D 106 -18.96 3.78 -39.92
N LYS D 107 -19.32 4.69 -40.82
CA LYS D 107 -18.62 4.81 -42.08
C LYS D 107 -17.13 5.03 -41.87
N ILE D 108 -16.77 5.57 -40.72
CA ILE D 108 -15.37 5.84 -40.42
C ILE D 108 -14.68 4.77 -39.59
N THR D 109 -15.37 4.25 -38.58
CA THR D 109 -14.79 3.24 -37.69
C THR D 109 -15.37 1.82 -37.80
N GLY D 110 -16.45 1.68 -38.57
CA GLY D 110 -17.10 0.39 -38.73
C GLY D 110 -16.19 -0.79 -39.04
N HIS D 111 -15.05 -0.53 -39.68
CA HIS D 111 -14.11 -1.58 -40.04
C HIS D 111 -13.16 -2.01 -38.91
N LEU D 112 -12.97 -1.13 -37.94
CA LEU D 112 -12.06 -1.40 -36.84
C LEU D 112 -12.49 -2.52 -35.89
N LYS D 113 -11.51 -3.28 -35.38
CA LYS D 113 -11.78 -4.38 -34.47
C LYS D 113 -12.03 -3.84 -33.06
N LEU D 114 -12.78 -4.59 -32.27
CA LEU D 114 -13.06 -4.17 -30.90
C LEU D 114 -11.80 -4.33 -30.06
N LEU D 115 -11.62 -3.43 -29.10
CA LEU D 115 -10.46 -3.49 -28.22
C LEU D 115 -10.61 -4.68 -27.29
N MET E 1 20.29 -7.99 19.44
CA MET E 1 21.04 -7.06 18.55
C MET E 1 21.19 -5.72 19.24
N LYS E 2 22.43 -5.29 19.44
CA LYS E 2 22.68 -4.00 20.06
C LYS E 2 24.05 -3.47 19.67
N MET E 3 24.21 -2.15 19.78
CA MET E 3 25.48 -1.49 19.47
C MET E 3 25.94 -0.83 20.76
N VAL E 4 27.24 -0.94 21.05
CA VAL E 4 27.77 -0.30 22.24
C VAL E 4 28.57 0.92 21.81
N VAL E 5 28.34 2.03 22.49
CA VAL E 5 29.04 3.28 22.22
C VAL E 5 29.86 3.62 23.45
N VAL E 6 31.18 3.69 23.27
CA VAL E 6 32.22 3.92 24.25
C VAL E 6 32.65 5.38 24.24
N ILE E 7 32.36 6.18 25.26
CA ILE E 7 32.76 7.57 25.35
C ILE E 7 33.84 7.79 26.38
N ARG E 8 34.93 8.47 25.99
CA ARG E 8 35.98 8.75 26.96
C ARG E 8 35.42 9.77 27.95
N ASN E 9 35.62 9.51 29.23
CA ASN E 9 35.10 10.37 30.29
C ASN E 9 36.20 11.12 31.03
N ASP E 10 37.36 11.26 30.39
CA ASP E 10 38.50 11.95 31.01
C ASP E 10 38.91 13.22 30.26
N LEU E 11 38.13 13.60 29.25
CA LEU E 11 38.43 14.77 28.46
C LEU E 11 37.55 15.96 28.78
N GLY E 12 36.82 15.89 29.87
CA GLY E 12 35.94 16.98 30.24
C GLY E 12 34.93 17.33 29.16
N MET E 13 34.71 16.42 28.21
CA MET E 13 33.74 16.67 27.14
C MET E 13 32.38 17.02 27.72
N GLY E 14 31.73 18.01 27.11
CA GLY E 14 30.42 18.40 27.59
C GLY E 14 29.35 17.46 27.06
N LYS E 15 28.13 17.63 27.53
CA LYS E 15 27.03 16.78 27.12
C LYS E 15 26.88 16.77 25.60
N GLY E 16 26.78 17.96 25.02
CA GLY E 16 26.62 18.07 23.58
C GLY E 16 27.77 17.47 22.78
N LYS E 17 28.98 17.60 23.30
CA LYS E 17 30.17 17.08 22.62
C LYS E 17 30.13 15.55 22.60
N MET E 18 29.82 14.96 23.76
CA MET E 18 29.73 13.50 23.86
C MET E 18 28.67 13.01 22.89
N VAL E 19 27.57 13.76 22.79
CA VAL E 19 26.50 13.39 21.86
C VAL E 19 27.00 13.42 20.42
N ALA E 20 27.75 14.46 20.07
CA ALA E 20 28.28 14.59 18.72
C ALA E 20 29.33 13.52 18.38
N GLN E 21 30.25 13.28 19.31
CA GLN E 21 31.30 12.28 19.08
C GLN E 21 30.70 10.89 19.09
N GLY E 22 29.77 10.67 20.05
CA GLY E 22 29.09 9.39 20.06
C GLY E 22 28.46 9.17 18.70
N GLY E 23 27.84 10.27 18.23
CA GLY E 23 27.14 10.24 16.96
C GLY E 23 28.07 9.87 15.79
N HIS E 24 29.29 10.43 15.73
CA HIS E 24 30.17 10.07 14.63
C HIS E 24 30.46 8.58 14.71
N ALA E 25 30.80 8.10 15.91
CA ALA E 25 31.12 6.70 16.13
C ALA E 25 29.98 5.80 15.69
N ILE E 26 28.75 6.20 16.03
CA ILE E 26 27.56 5.42 15.68
C ILE E 26 27.41 5.32 14.18
N ILE E 27 27.51 6.46 13.50
CA ILE E 27 27.42 6.47 12.05
C ILE E 27 28.51 5.61 11.45
N GLU E 28 29.74 5.84 11.88
CA GLU E 28 30.86 5.06 11.36
C GLU E 28 30.73 3.57 11.63
N ALA E 29 30.30 3.18 12.81
CA ALA E 29 30.14 1.76 13.10
C ALA E 29 29.03 1.19 12.23
N PHE E 30 27.95 1.96 12.06
CA PHE E 30 26.81 1.56 11.25
C PHE E 30 27.21 1.30 9.79
N LEU E 31 27.97 2.21 9.20
CA LEU E 31 28.40 2.03 7.81
C LEU E 31 29.28 0.78 7.69
N ASP E 32 30.15 0.56 8.68
CA ASP E 32 31.04 -0.59 8.68
C ASP E 32 30.24 -1.88 8.83
N ALA E 33 29.32 -1.88 9.78
CA ALA E 33 28.48 -3.05 10.05
C ALA E 33 27.54 -3.35 8.90
N LYS E 34 27.20 -2.32 8.14
CA LYS E 34 26.28 -2.48 7.01
C LYS E 34 26.98 -3.22 5.88
N ARG E 35 28.30 -3.05 5.80
CA ARG E 35 29.09 -3.72 4.79
C ARG E 35 29.25 -5.19 5.12
N LYS E 36 29.75 -5.47 6.32
CA LYS E 36 29.96 -6.85 6.77
C LYS E 36 28.69 -7.68 6.74
N ASN E 37 27.65 -7.24 7.46
CA ASN E 37 26.40 -7.98 7.48
C ASN E 37 25.20 -7.03 7.41
N PRO E 38 24.68 -6.78 6.20
CA PRO E 38 23.54 -5.90 6.02
C PRO E 38 22.26 -6.43 6.65
N ARG E 39 22.19 -7.75 6.82
CA ARG E 39 20.99 -8.34 7.41
C ARG E 39 21.06 -8.27 8.94
N ALA E 40 22.29 -8.38 9.46
CA ALA E 40 22.44 -8.16 10.88
C ALA E 40 21.98 -6.74 11.26
N VAL E 41 22.36 -5.79 10.38
CA VAL E 41 21.95 -4.40 10.57
C VAL E 41 20.43 -4.28 10.57
N ASP E 42 19.77 -4.82 9.55
CA ASP E 42 18.32 -4.74 9.46
C ASP E 42 17.64 -5.23 10.72
N GLU E 43 18.16 -6.32 11.27
CA GLU E 43 17.61 -6.87 12.50
C GLU E 43 17.70 -5.80 13.59
N TRP E 44 18.88 -5.22 13.74
CA TRP E 44 19.10 -4.19 14.74
C TRP E 44 18.09 -3.08 14.58
N LEU E 45 17.97 -2.55 13.37
CA LEU E 45 17.02 -1.47 13.11
C LEU E 45 15.62 -1.90 13.49
N ARG E 46 15.17 -3.05 13.00
CA ARG E 46 13.82 -3.53 13.31
C ARG E 46 13.53 -3.66 14.80
N GLU E 47 14.54 -4.02 15.57
CA GLU E 47 14.36 -4.20 17.01
C GLU E 47 14.51 -2.90 17.79
N GLY E 48 14.48 -1.76 17.08
CA GLY E 48 14.61 -0.49 17.77
C GLY E 48 16.05 -0.03 17.95
N GLN E 49 16.94 -0.49 17.07
CA GLN E 49 18.36 -0.14 17.08
C GLN E 49 18.93 0.17 18.47
N LYS E 50 18.78 -0.77 19.39
CA LYS E 50 19.27 -0.63 20.76
C LYS E 50 20.72 -0.15 20.89
N LYS E 51 20.94 0.77 21.83
CA LYS E 51 22.28 1.31 22.07
C LYS E 51 22.57 1.45 23.56
N VAL E 52 23.77 1.05 23.95
CA VAL E 52 24.21 1.15 25.33
C VAL E 52 25.46 2.00 25.28
N VAL E 53 25.56 2.96 26.20
CA VAL E 53 26.69 3.85 26.19
C VAL E 53 27.54 3.69 27.43
N VAL E 54 28.77 3.22 27.23
CA VAL E 54 29.71 3.02 28.32
C VAL E 54 30.81 4.06 28.28
N LYS E 55 31.77 3.95 29.20
CA LYS E 55 32.87 4.91 29.24
C LYS E 55 34.20 4.26 29.60
N VAL E 56 35.27 4.98 29.27
CA VAL E 56 36.64 4.57 29.58
C VAL E 56 37.33 5.83 30.08
N ASN E 57 38.46 5.69 30.78
CA ASN E 57 39.14 6.86 31.31
C ASN E 57 40.48 7.21 30.68
N SER E 58 40.79 6.61 29.53
CA SER E 58 42.05 6.92 28.85
C SER E 58 42.02 6.53 27.38
N GLU E 59 42.92 7.10 26.62
CA GLU E 59 43.03 6.83 25.18
C GLU E 59 43.44 5.39 24.98
N LYS E 60 44.37 4.93 25.82
CA LYS E 60 44.87 3.57 25.73
C LYS E 60 43.71 2.58 25.90
N GLU E 61 42.88 2.82 26.93
CA GLU E 61 41.73 1.97 27.17
C GLU E 61 40.78 2.06 25.97
N LEU E 62 40.60 3.26 25.42
CA LEU E 62 39.71 3.42 24.26
C LEU E 62 40.22 2.63 23.06
N ILE E 63 41.53 2.71 22.80
CA ILE E 63 42.10 1.99 21.67
C ILE E 63 42.04 0.49 21.88
N ASP E 64 42.29 0.06 23.12
CA ASP E 64 42.26 -1.37 23.43
C ASP E 64 40.92 -1.99 23.10
N ILE E 65 39.82 -1.36 23.50
CA ILE E 65 38.50 -1.92 23.22
C ILE E 65 38.26 -2.01 21.71
N TYR E 66 38.70 -1.00 20.97
CA TYR E 66 38.52 -1.02 19.52
C TYR E 66 39.33 -2.17 18.91
N ASN E 67 40.56 -2.36 19.40
CA ASN E 67 41.41 -3.45 18.91
C ASN E 67 40.70 -4.78 19.16
N LYS E 68 40.23 -4.97 20.39
CA LYS E 68 39.55 -6.19 20.76
C LYS E 68 38.35 -6.41 19.83
N ALA E 69 37.61 -5.34 19.56
CA ALA E 69 36.46 -5.43 18.67
C ALA E 69 36.89 -5.95 17.30
N ARG E 70 37.99 -5.39 16.78
CA ARG E 70 38.52 -5.82 15.47
C ARG E 70 39.01 -7.26 15.53
N SER E 71 39.77 -7.59 16.56
CA SER E 71 40.28 -8.95 16.71
C SER E 71 39.11 -9.93 16.70
N GLU E 72 37.97 -9.51 17.24
CA GLU E 72 36.78 -10.36 17.28
C GLU E 72 36.04 -10.32 15.95
N GLY E 73 36.44 -9.40 15.07
CA GLY E 73 35.79 -9.30 13.77
C GLY E 73 34.44 -8.59 13.82
N LEU E 74 34.20 -7.80 14.86
CA LEU E 74 32.93 -7.08 14.98
C LEU E 74 33.01 -5.70 14.33
N PRO E 75 31.89 -5.24 13.74
CA PRO E 75 31.91 -3.92 13.11
C PRO E 75 32.25 -2.92 14.19
N CYS E 76 33.03 -1.90 13.86
CA CYS E 76 33.38 -0.93 14.88
C CYS E 76 33.94 0.33 14.29
N SER E 77 34.24 1.30 15.15
CA SER E 77 34.78 2.57 14.72
C SER E 77 35.49 3.25 15.89
N ILE E 78 36.35 4.20 15.56
CA ILE E 78 37.06 4.98 16.55
C ILE E 78 37.18 6.35 15.93
N ILE E 79 36.76 7.38 16.66
CA ILE E 79 36.72 8.73 16.16
C ILE E 79 37.79 9.69 16.66
N ARG E 80 38.28 10.54 15.76
CA ARG E 80 39.28 11.54 16.10
C ARG E 80 38.60 12.90 16.00
N ASP E 81 38.70 13.70 17.05
CA ASP E 81 38.09 15.03 17.09
C ASP E 81 39.14 16.14 17.02
N ALA E 82 39.11 16.89 15.92
CA ALA E 82 40.05 17.98 15.67
C ALA E 82 40.09 19.03 16.77
N GLY E 83 41.29 19.54 17.04
CA GLY E 83 41.43 20.58 18.05
C GLY E 83 40.71 21.84 17.60
N HIS E 84 40.15 22.59 18.55
CA HIS E 84 39.42 23.80 18.20
C HIS E 84 40.35 24.86 17.63
N THR E 85 41.58 24.91 18.14
CA THR E 85 42.56 25.87 17.66
C THR E 85 43.92 25.22 17.46
N GLN E 86 44.83 25.96 16.83
CA GLN E 86 46.19 25.49 16.54
C GLN E 86 46.97 25.19 17.80
N LEU E 87 46.39 25.49 18.95
CA LEU E 87 47.05 25.26 20.24
C LEU E 87 46.98 23.79 20.66
N GLU E 88 45.90 23.12 20.28
CA GLU E 88 45.71 21.72 20.66
C GLU E 88 45.55 20.82 19.43
N PRO E 89 46.00 19.57 19.53
CA PRO E 89 45.87 18.61 18.42
C PRO E 89 44.54 17.88 18.53
N GLY E 90 44.20 17.09 17.53
CA GLY E 90 42.96 16.35 17.57
C GLY E 90 42.97 15.39 18.75
N THR E 91 41.89 14.63 18.92
CA THR E 91 41.81 13.68 20.01
C THR E 91 40.88 12.51 19.68
N LEU E 92 41.23 11.33 20.17
CA LEU E 92 40.41 10.14 19.98
C LEU E 92 39.38 10.28 21.09
N THR E 93 38.11 10.40 20.70
CA THR E 93 37.04 10.63 21.66
C THR E 93 36.07 9.48 21.90
N ALA E 94 35.88 8.63 20.90
CA ALA E 94 34.91 7.58 21.08
C ALA E 94 35.05 6.42 20.11
N VAL E 95 34.39 5.33 20.47
CA VAL E 95 34.37 4.09 19.68
C VAL E 95 32.97 3.53 19.72
N ALA E 96 32.56 2.86 18.66
CA ALA E 96 31.25 2.22 18.61
C ALA E 96 31.42 0.80 18.05
N ILE E 97 30.91 -0.18 18.78
CA ILE E 97 30.99 -1.57 18.33
C ILE E 97 29.60 -2.11 18.08
N GLY E 98 29.40 -2.72 16.92
CA GLY E 98 28.10 -3.26 16.60
C GLY E 98 27.47 -2.52 15.44
N PRO E 99 26.19 -2.78 15.13
CA PRO E 99 25.37 -3.76 15.86
C PRO E 99 25.90 -5.18 15.74
N GLU E 100 25.40 -6.06 16.61
CA GLU E 100 25.78 -7.47 16.63
C GLU E 100 25.08 -8.13 17.80
N LYS E 101 25.10 -9.46 17.85
CA LYS E 101 24.46 -10.20 18.92
C LYS E 101 24.89 -9.72 20.28
N ASP E 102 23.92 -9.50 21.16
CA ASP E 102 24.18 -9.03 22.51
C ASP E 102 25.35 -9.76 23.16
N GLU E 103 25.30 -11.08 23.11
CA GLU E 103 26.34 -11.93 23.70
C GLU E 103 27.75 -11.58 23.23
N LYS E 104 27.97 -11.65 21.92
CA LYS E 104 29.28 -11.35 21.35
C LYS E 104 29.87 -10.04 21.87
N ILE E 105 29.07 -8.99 21.82
CA ILE E 105 29.51 -7.68 22.28
C ILE E 105 29.72 -7.62 23.79
N ASP E 106 28.87 -8.31 24.54
CA ASP E 106 28.99 -8.32 25.99
C ASP E 106 30.34 -8.85 26.47
N LYS E 107 30.95 -9.72 25.66
CA LYS E 107 32.26 -10.28 26.01
C LYS E 107 33.33 -9.21 25.94
N ILE E 108 33.17 -8.29 24.99
CA ILE E 108 34.14 -7.21 24.81
C ILE E 108 33.90 -6.01 25.71
N THR E 109 32.65 -5.56 25.79
CA THR E 109 32.33 -4.38 26.60
C THR E 109 31.58 -4.62 27.89
N GLY E 110 31.30 -5.88 28.22
CA GLY E 110 30.56 -6.20 29.43
C GLY E 110 31.16 -5.67 30.72
N HIS E 111 32.48 -5.46 30.73
CA HIS E 111 33.14 -4.98 31.93
C HIS E 111 33.21 -3.45 32.01
N LEU E 112 32.74 -2.77 30.97
CA LEU E 112 32.77 -1.31 30.97
C LEU E 112 31.64 -0.70 31.77
N LYS E 113 31.97 0.35 32.52
CA LYS E 113 31.02 1.05 33.33
C LYS E 113 30.11 1.91 32.45
N LEU E 114 28.87 2.08 32.88
CA LEU E 114 27.91 2.88 32.14
C LEU E 114 28.29 4.35 32.24
N LEU E 115 28.07 5.10 31.16
CA LEU E 115 28.38 6.53 31.15
C LEU E 115 27.33 7.26 31.97
N MET F 1 27.81 21.88 5.24
CA MET F 1 26.75 20.88 5.56
C MET F 1 26.88 20.43 7.00
N LYS F 2 25.75 20.27 7.66
CA LYS F 2 25.75 19.82 9.04
C LYS F 2 24.41 19.25 9.42
N MET F 3 24.38 18.56 10.54
CA MET F 3 23.16 17.99 11.06
C MET F 3 23.06 18.57 12.44
N VAL F 4 21.85 18.94 12.84
CA VAL F 4 21.68 19.48 14.17
C VAL F 4 20.86 18.48 14.97
N VAL F 5 21.34 18.15 16.17
CA VAL F 5 20.67 17.20 17.02
C VAL F 5 20.06 17.97 18.19
N VAL F 6 18.74 17.87 18.34
CA VAL F 6 18.03 18.56 19.42
C VAL F 6 17.69 17.58 20.54
N ILE F 7 18.19 17.88 21.74
CA ILE F 7 17.97 17.02 22.89
C ILE F 7 17.11 17.71 23.95
N ARG F 8 16.04 17.06 24.39
CA ARG F 8 15.21 17.65 25.43
C ARG F 8 16.03 17.69 26.72
N ASN F 9 16.08 18.87 27.32
CA ASN F 9 16.85 19.08 28.54
C ASN F 9 15.93 19.16 29.77
N ASP F 10 14.67 18.78 29.58
CA ASP F 10 13.70 18.84 30.67
C ASP F 10 13.27 17.44 31.16
N LEU F 11 13.95 16.40 30.60
CA LEU F 11 13.67 15.05 31.05
C LEU F 11 14.75 14.53 32.02
N GLY F 12 15.73 15.40 32.30
CA GLY F 12 16.78 15.02 33.23
C GLY F 12 17.49 13.73 32.79
N MET F 13 17.72 13.56 31.50
CA MET F 13 18.39 12.37 31.00
C MET F 13 19.88 12.44 31.30
N GLY F 14 20.47 11.33 31.72
CA GLY F 14 21.89 11.33 32.01
C GLY F 14 22.71 11.47 30.73
N LYS F 15 24.02 11.55 30.87
CA LYS F 15 24.90 11.68 29.72
C LYS F 15 24.73 10.52 28.75
N GLY F 16 24.74 9.31 29.28
CA GLY F 16 24.60 8.13 28.44
C GLY F 16 23.31 8.07 27.65
N LYS F 17 22.21 8.36 28.33
CA LYS F 17 20.89 8.34 27.69
C LYS F 17 20.82 9.36 26.56
N MET F 18 21.39 10.55 26.78
CA MET F 18 21.38 11.59 25.74
C MET F 18 22.15 11.10 24.52
N VAL F 19 23.30 10.49 24.75
CA VAL F 19 24.10 9.98 23.64
C VAL F 19 23.29 8.92 22.90
N ALA F 20 22.59 8.06 23.63
CA ALA F 20 21.81 7.01 22.98
C ALA F 20 20.62 7.53 22.19
N GLN F 21 19.86 8.47 22.77
CA GLN F 21 18.68 8.99 22.09
C GLN F 21 19.08 9.86 20.90
N GLY F 22 20.09 10.72 21.13
CA GLY F 22 20.61 11.49 20.02
C GLY F 22 21.07 10.54 18.91
N GLY F 23 21.66 9.42 19.37
CA GLY F 23 22.15 8.42 18.45
C GLY F 23 21.03 7.90 17.53
N HIS F 24 19.90 7.54 18.12
CA HIS F 24 18.77 7.05 17.34
C HIS F 24 18.32 8.14 16.37
N ALA F 25 18.27 9.38 16.84
CA ALA F 25 17.85 10.49 16.00
C ALA F 25 18.77 10.67 14.82
N ILE F 26 20.07 10.59 15.10
CA ILE F 26 21.08 10.76 14.07
C ILE F 26 20.93 9.69 12.99
N ILE F 27 20.76 8.45 13.41
CA ILE F 27 20.60 7.37 12.45
C ILE F 27 19.38 7.60 11.58
N GLU F 28 18.25 7.88 12.23
CA GLU F 28 16.99 8.09 11.50
C GLU F 28 17.04 9.24 10.50
N ALA F 29 17.64 10.35 10.89
CA ALA F 29 17.74 11.49 9.98
C ALA F 29 18.66 11.09 8.84
N PHE F 30 19.69 10.35 9.19
CA PHE F 30 20.66 9.88 8.19
C PHE F 30 19.91 9.05 7.14
N LEU F 31 19.09 8.12 7.63
CA LEU F 31 18.34 7.27 6.72
C LEU F 31 17.36 8.10 5.92
N ASP F 32 16.78 9.11 6.54
CA ASP F 32 15.83 9.95 5.84
C ASP F 32 16.54 10.81 4.79
N ALA F 33 17.70 11.34 5.14
CA ALA F 33 18.48 12.17 4.22
C ALA F 33 18.98 11.39 3.03
N LYS F 34 19.49 10.18 3.29
CA LYS F 34 20.02 9.31 2.24
C LYS F 34 18.98 9.01 1.16
N ARG F 35 17.70 9.11 1.52
CA ARG F 35 16.64 8.84 0.56
C ARG F 35 16.16 10.11 -0.12
N LYS F 36 16.29 11.24 0.58
CA LYS F 36 15.86 12.53 0.03
C LYS F 36 16.94 13.17 -0.84
N ASN F 37 18.15 13.26 -0.32
CA ASN F 37 19.25 13.86 -1.06
C ASN F 37 20.51 13.01 -0.86
N PRO F 38 20.61 11.90 -1.60
CA PRO F 38 21.75 10.98 -1.52
C PRO F 38 23.10 11.67 -1.69
N ARG F 39 23.19 12.56 -2.67
CA ARG F 39 24.44 13.26 -2.93
C ARG F 39 24.85 14.16 -1.78
N ALA F 40 23.87 14.79 -1.15
CA ALA F 40 24.16 15.68 -0.02
C ALA F 40 24.77 14.89 1.12
N VAL F 41 24.19 13.73 1.41
CA VAL F 41 24.70 12.89 2.48
C VAL F 41 26.18 12.58 2.25
N ASP F 42 26.54 12.24 1.02
CA ASP F 42 27.92 11.95 0.70
C ASP F 42 28.80 13.17 0.94
N GLU F 43 28.29 14.35 0.57
CA GLU F 43 29.05 15.58 0.78
C GLU F 43 29.30 15.79 2.27
N TRP F 44 28.24 15.64 3.06
CA TRP F 44 28.33 15.80 4.50
C TRP F 44 29.40 14.87 5.09
N LEU F 45 29.42 13.63 4.63
CA LEU F 45 30.39 12.66 5.12
C LEU F 45 31.84 13.02 4.81
N ARG F 46 32.11 13.36 3.54
CA ARG F 46 33.47 13.73 3.13
C ARG F 46 33.97 14.89 3.97
N GLU F 47 33.05 15.77 4.31
CA GLU F 47 33.35 16.97 5.08
C GLU F 47 33.52 16.77 6.57
N GLY F 48 33.47 15.52 7.03
CA GLY F 48 33.62 15.24 8.45
C GLY F 48 32.32 15.17 9.24
N GLN F 49 31.19 14.97 8.54
CA GLN F 49 29.86 14.86 9.16
C GLN F 49 29.67 15.68 10.45
N LYS F 50 29.78 17.00 10.31
CA LYS F 50 29.63 17.93 11.41
C LYS F 50 28.27 17.79 12.08
N LYS F 51 28.29 17.77 13.40
CA LYS F 51 27.07 17.67 14.16
C LYS F 51 27.07 18.74 15.24
N VAL F 52 26.01 19.53 15.29
CA VAL F 52 25.88 20.56 16.30
C VAL F 52 24.79 20.04 17.22
N VAL F 53 25.03 20.07 18.53
CA VAL F 53 24.02 19.58 19.47
C VAL F 53 23.42 20.68 20.34
N VAL F 54 22.11 20.83 20.23
CA VAL F 54 21.36 21.83 20.98
C VAL F 54 20.30 21.18 21.86
N LYS F 55 19.59 21.98 22.63
CA LYS F 55 18.56 21.48 23.53
C LYS F 55 17.27 22.28 23.46
N VAL F 56 16.24 21.76 24.12
CA VAL F 56 14.92 22.40 24.22
C VAL F 56 14.41 21.95 25.58
N ASN F 57 13.46 22.68 26.15
CA ASN F 57 12.93 22.34 27.48
C ASN F 57 11.48 21.90 27.52
N SER F 58 10.99 21.28 26.46
CA SER F 58 9.60 20.80 26.43
C SER F 58 9.34 19.96 25.20
N GLU F 59 8.36 19.07 25.29
CA GLU F 59 8.02 18.21 24.18
C GLU F 59 7.46 19.07 23.05
N LYS F 60 6.65 20.06 23.41
CA LYS F 60 6.05 20.94 22.42
C LYS F 60 7.12 21.66 21.60
N GLU F 61 8.17 22.15 22.26
CA GLU F 61 9.23 22.83 21.55
C GLU F 61 9.98 21.81 20.68
N LEU F 62 10.16 20.61 21.21
CA LEU F 62 10.83 19.56 20.43
C LEU F 62 10.05 19.30 19.14
N ILE F 63 8.75 19.08 19.26
CA ILE F 63 7.92 18.80 18.09
C ILE F 63 7.86 19.98 17.12
N ASP F 64 7.82 21.19 17.64
CA ASP F 64 7.76 22.37 16.77
C ASP F 64 8.97 22.47 15.86
N ILE F 65 10.14 22.16 16.38
CA ILE F 65 11.37 22.22 15.58
C ILE F 65 11.28 21.16 14.48
N TYR F 66 10.83 19.96 14.84
CA TYR F 66 10.68 18.87 13.88
C TYR F 66 9.70 19.33 12.80
N ASN F 67 8.62 19.97 13.24
CA ASN F 67 7.60 20.48 12.33
C ASN F 67 8.18 21.50 11.37
N LYS F 68 9.04 22.39 11.86
CA LYS F 68 9.65 23.39 10.98
C LYS F 68 10.53 22.68 9.95
N ALA F 69 11.29 21.67 10.41
CA ALA F 69 12.15 20.92 9.50
C ALA F 69 11.33 20.31 8.36
N ARG F 70 10.20 19.69 8.71
CA ARG F 70 9.35 19.08 7.69
C ARG F 70 8.79 20.12 6.71
N SER F 71 8.29 21.24 7.25
CA SER F 71 7.72 22.28 6.38
C SER F 71 8.75 22.80 5.39
N GLU F 72 10.03 22.71 5.74
CA GLU F 72 11.11 23.17 4.87
C GLU F 72 11.57 22.07 3.93
N GLY F 73 11.00 20.88 4.07
CA GLY F 73 11.39 19.75 3.22
C GLY F 73 12.75 19.14 3.57
N LEU F 74 13.26 19.45 4.76
CA LEU F 74 14.56 18.94 5.20
C LEU F 74 14.52 17.53 5.79
N PRO F 75 15.65 16.80 5.71
CA PRO F 75 15.68 15.47 6.27
C PRO F 75 15.60 15.64 7.78
N CYS F 76 14.87 14.78 8.46
CA CYS F 76 14.75 14.90 9.91
C CYS F 76 14.17 13.65 10.54
N SER F 77 14.19 13.62 11.86
CA SER F 77 13.67 12.49 12.62
C SER F 77 13.26 12.99 13.99
N ILE F 78 12.39 12.23 14.64
CA ILE F 78 11.93 12.55 15.99
C ILE F 78 11.80 11.20 16.67
N ILE F 79 12.55 11.05 17.75
CA ILE F 79 12.64 9.80 18.50
C ILE F 79 11.76 9.67 19.74
N ARG F 80 11.27 8.45 19.96
CA ARG F 80 10.43 8.11 21.11
C ARG F 80 11.12 7.00 21.88
N ASP F 81 11.31 7.20 23.19
CA ASP F 81 11.95 6.19 24.01
C ASP F 81 10.90 5.40 24.78
N ALA F 82 11.07 4.09 24.86
CA ALA F 82 10.13 3.22 25.57
C ALA F 82 10.13 3.47 27.07
N GLY F 83 8.96 3.77 27.63
CA GLY F 83 8.86 4.01 29.06
C GLY F 83 9.65 2.99 29.85
N HIS F 84 10.40 3.43 30.84
CA HIS F 84 11.20 2.52 31.63
C HIS F 84 10.48 2.02 32.87
N THR F 85 9.96 2.95 33.68
CA THR F 85 9.25 2.57 34.90
C THR F 85 8.03 1.67 34.62
N GLN F 86 7.54 1.76 33.37
CA GLN F 86 6.39 0.94 32.98
C GLN F 86 5.14 1.25 33.79
N LEU F 87 5.27 2.22 34.69
CA LEU F 87 4.09 2.93 35.15
C LEU F 87 3.82 4.12 34.23
N GLU F 88 4.92 4.65 33.65
CA GLU F 88 4.79 5.75 32.70
C GLU F 88 5.05 5.29 31.25
N PRO F 89 4.44 6.03 30.29
CA PRO F 89 4.56 5.71 28.87
C PRO F 89 5.89 6.16 28.26
N GLY F 90 6.14 5.89 26.97
CA GLY F 90 7.37 6.36 26.35
C GLY F 90 7.39 7.88 26.32
N THR F 91 8.41 8.45 25.69
CA THR F 91 8.54 9.89 25.61
C THR F 91 9.34 10.31 24.36
N LEU F 92 8.98 11.44 23.77
CA LEU F 92 9.72 11.96 22.62
C LEU F 92 10.95 12.62 23.24
N THR F 93 12.12 12.10 22.90
CA THR F 93 13.37 12.56 23.49
C THR F 93 14.32 13.39 22.64
N ALA F 94 14.37 13.13 21.35
CA ALA F 94 15.27 13.86 20.49
C ALA F 94 14.82 14.01 19.06
N VAL F 95 15.48 14.92 18.36
CA VAL F 95 15.20 15.21 16.98
C VAL F 95 16.54 15.47 16.32
N ALA F 96 16.66 15.13 15.05
CA ALA F 96 17.88 15.40 14.31
C ALA F 96 17.45 15.98 12.98
N ILE F 97 18.15 17.01 12.53
CA ILE F 97 17.82 17.64 11.27
C ILE F 97 19.03 17.66 10.35
N GLY F 98 18.83 17.25 9.11
CA GLY F 98 19.91 17.21 8.15
C GLY F 98 20.41 15.80 7.91
N PRO F 99 21.60 15.65 7.32
CA PRO F 99 22.47 16.75 6.90
C PRO F 99 21.86 17.63 5.81
N GLU F 100 22.25 18.90 5.83
CA GLU F 100 21.77 19.85 4.84
C GLU F 100 22.68 21.08 4.95
N LYS F 101 22.64 21.95 3.95
CA LYS F 101 23.46 23.15 3.95
C LYS F 101 23.26 23.96 5.24
N ASP F 102 24.37 24.47 5.78
CA ASP F 102 24.35 25.25 7.01
C ASP F 102 23.28 26.33 7.03
N GLU F 103 23.32 27.24 6.07
CA GLU F 103 22.35 28.33 5.98
C GLU F 103 20.92 27.88 6.28
N LYS F 104 20.47 26.85 5.56
CA LYS F 104 19.13 26.32 5.73
C LYS F 104 18.82 25.91 7.17
N ILE F 105 19.59 24.96 7.68
CA ILE F 105 19.40 24.47 9.03
C ILE F 105 19.52 25.54 10.11
N ASP F 106 20.30 26.57 9.85
CA ASP F 106 20.47 27.64 10.84
C ASP F 106 19.17 28.45 11.01
N LYS F 107 18.46 28.65 9.92
CA LYS F 107 17.20 29.40 9.99
C LYS F 107 16.24 28.75 10.99
N ILE F 108 16.34 27.43 11.15
CA ILE F 108 15.46 26.69 12.05
C ILE F 108 15.98 26.54 13.48
N THR F 109 17.24 26.13 13.63
CA THR F 109 17.82 25.92 14.97
C THR F 109 18.90 26.92 15.33
N GLY F 110 19.10 27.92 14.48
CA GLY F 110 20.12 28.93 14.74
C GLY F 110 20.08 29.57 16.11
N HIS F 111 18.89 29.68 16.71
CA HIS F 111 18.77 30.34 18.01
C HIS F 111 18.65 29.41 19.23
N LEU F 112 18.70 28.10 19.00
CA LEU F 112 18.59 27.16 20.12
C LEU F 112 19.89 27.08 20.90
N LYS F 113 19.77 26.91 22.21
CA LYS F 113 20.94 26.81 23.09
C LYS F 113 21.70 25.53 22.79
N LEU F 114 23.00 25.54 23.04
CA LEU F 114 23.81 24.35 22.83
C LEU F 114 23.59 23.48 24.05
N LEU F 115 23.72 22.16 23.90
CA LEU F 115 23.55 21.25 25.03
C LEU F 115 24.85 21.17 25.82
N MET G 1 0.93 -9.51 -4.61
CA MET G 1 2.27 -10.15 -4.79
C MET G 1 2.52 -10.50 -6.26
N LYS G 2 3.48 -9.79 -6.87
CA LYS G 2 3.81 -10.04 -8.26
C LYS G 2 5.26 -9.69 -8.56
N MET G 3 5.72 -10.12 -9.72
CA MET G 3 7.07 -9.84 -10.16
C MET G 3 6.99 -9.14 -11.51
N VAL G 4 7.62 -7.99 -11.62
CA VAL G 4 7.62 -7.29 -12.88
C VAL G 4 8.94 -7.57 -13.57
N VAL G 5 8.86 -7.97 -14.84
CA VAL G 5 10.05 -8.25 -15.63
C VAL G 5 10.16 -7.20 -16.70
N VAL G 6 11.29 -6.49 -16.70
CA VAL G 6 11.51 -5.43 -17.66
C VAL G 6 12.40 -5.92 -18.80
N ILE G 7 11.94 -5.73 -20.02
CA ILE G 7 12.68 -6.17 -21.20
C ILE G 7 13.00 -5.00 -22.13
N ARG G 8 14.21 -4.98 -22.66
CA ARG G 8 14.63 -3.94 -23.59
C ARG G 8 13.91 -4.22 -24.92
N ASN G 9 13.26 -3.20 -25.47
CA ASN G 9 12.55 -3.39 -26.74
C ASN G 9 13.19 -2.59 -27.88
N ASP G 10 14.35 -2.00 -27.61
CA ASP G 10 15.05 -1.20 -28.61
C ASP G 10 16.30 -1.90 -29.12
N LEU G 11 16.45 -3.17 -28.75
CA LEU G 11 17.60 -3.95 -29.17
C LEU G 11 17.28 -4.94 -30.29
N GLY G 12 16.00 -5.04 -30.65
CA GLY G 12 15.59 -5.95 -31.70
C GLY G 12 15.75 -7.42 -31.33
N MET G 13 15.70 -7.74 -30.05
CA MET G 13 15.84 -9.13 -29.59
C MET G 13 14.66 -9.98 -30.05
N GLY G 14 14.95 -11.19 -30.52
CA GLY G 14 13.90 -12.09 -30.95
C GLY G 14 13.13 -12.58 -29.74
N LYS G 15 12.08 -13.36 -29.97
CA LYS G 15 11.26 -13.88 -28.88
C LYS G 15 12.04 -14.83 -27.97
N GLY G 16 12.74 -15.79 -28.57
CA GLY G 16 13.50 -16.74 -27.79
C GLY G 16 14.54 -16.06 -26.91
N LYS G 17 15.15 -15.01 -27.45
CA LYS G 17 16.17 -14.27 -26.72
C LYS G 17 15.53 -13.53 -25.55
N MET G 18 14.34 -12.98 -25.78
CA MET G 18 13.63 -12.25 -24.73
C MET G 18 13.29 -13.21 -23.59
N VAL G 19 12.77 -14.38 -23.92
CA VAL G 19 12.41 -15.36 -22.91
C VAL G 19 13.64 -15.75 -22.07
N ALA G 20 14.74 -16.07 -22.74
CA ALA G 20 15.97 -16.45 -22.05
C ALA G 20 16.45 -15.38 -21.08
N GLN G 21 16.61 -14.17 -21.59
CA GLN G 21 17.07 -13.04 -20.77
C GLN G 21 16.10 -12.77 -19.62
N GLY G 22 14.81 -12.76 -19.92
CA GLY G 22 13.83 -12.52 -18.88
C GLY G 22 13.93 -13.62 -17.84
N GLY G 23 14.17 -14.84 -18.33
CA GLY G 23 14.30 -15.98 -17.43
C GLY G 23 15.50 -15.82 -16.52
N HIS G 24 16.61 -15.33 -17.06
CA HIS G 24 17.79 -15.12 -16.22
C HIS G 24 17.39 -14.10 -15.16
N ALA G 25 16.79 -13.00 -15.62
CA ALA G 25 16.36 -11.95 -14.70
C ALA G 25 15.41 -12.49 -13.65
N ILE G 26 14.49 -13.34 -14.08
CA ILE G 26 13.50 -13.93 -13.18
C ILE G 26 14.13 -14.74 -12.05
N ILE G 27 14.96 -15.71 -12.40
CA ILE G 27 15.61 -16.53 -11.40
C ILE G 27 16.45 -15.68 -10.45
N GLU G 28 17.22 -14.75 -11.00
CA GLU G 28 18.08 -13.90 -10.19
C GLU G 28 17.26 -13.11 -9.17
N ALA G 29 16.25 -12.37 -9.63
CA ALA G 29 15.41 -11.60 -8.73
C ALA G 29 14.73 -12.52 -7.72
N PHE G 30 14.37 -13.72 -8.18
CA PHE G 30 13.72 -14.72 -7.32
C PHE G 30 14.61 -15.11 -6.16
N LEU G 31 15.89 -15.40 -6.49
CA LEU G 31 16.82 -15.77 -5.42
C LEU G 31 17.13 -14.55 -4.56
N ASP G 32 17.23 -13.38 -5.21
CA ASP G 32 17.49 -12.14 -4.48
C ASP G 32 16.33 -11.86 -3.53
N ALA G 33 15.13 -12.26 -3.99
CA ALA G 33 13.99 -12.14 -3.12
C ALA G 33 13.99 -13.26 -2.08
N LYS G 34 14.41 -14.46 -2.54
CA LYS G 34 14.46 -15.60 -1.62
C LYS G 34 15.32 -15.33 -0.38
N ARG G 35 16.22 -14.32 -0.49
CA ARG G 35 17.12 -14.01 0.61
C ARG G 35 16.63 -12.85 1.52
N LYS G 36 16.09 -11.79 0.88
CA LYS G 36 15.59 -10.67 1.68
C LYS G 36 14.33 -11.04 2.45
N ASN G 37 13.31 -11.50 1.73
CA ASN G 37 12.04 -11.89 2.34
C ASN G 37 11.62 -13.31 1.91
N PRO G 38 12.31 -14.33 2.43
CA PRO G 38 12.04 -15.74 2.12
C PRO G 38 10.57 -16.16 2.31
N ARG G 39 9.76 -15.23 2.82
CA ARG G 39 8.33 -15.49 3.04
C ARG G 39 7.53 -15.00 1.84
N ALA G 40 7.86 -13.79 1.37
CA ALA G 40 7.17 -13.21 0.22
C ALA G 40 7.21 -14.19 -0.95
N VAL G 41 8.20 -15.06 -0.94
CA VAL G 41 8.36 -16.06 -1.99
C VAL G 41 7.17 -17.01 -2.06
N ASP G 42 6.81 -17.58 -0.91
CA ASP G 42 5.67 -18.49 -0.83
C ASP G 42 4.35 -17.75 -1.00
N GLU G 43 4.28 -16.55 -0.41
CA GLU G 43 3.08 -15.72 -0.51
C GLU G 43 2.81 -15.49 -2.00
N TRP G 44 3.89 -15.38 -2.76
CA TRP G 44 3.81 -15.16 -4.19
C TRP G 44 3.52 -16.44 -4.97
N LEU G 45 4.22 -17.51 -4.62
CA LEU G 45 4.05 -18.81 -5.28
C LEU G 45 2.68 -19.41 -5.05
N ARG G 46 2.09 -19.12 -3.89
CA ARG G 46 0.77 -19.66 -3.55
C ARG G 46 -0.37 -18.80 -4.10
N GLU G 47 -0.03 -17.78 -4.88
CA GLU G 47 -1.03 -16.90 -5.47
C GLU G 47 -0.79 -16.75 -6.98
N GLY G 48 -0.34 -17.83 -7.61
CA GLY G 48 -0.09 -17.80 -9.03
C GLY G 48 1.29 -17.28 -9.42
N GLN G 49 2.07 -16.83 -8.44
CA GLN G 49 3.41 -16.30 -8.68
C GLN G 49 3.39 -15.39 -9.91
N LYS G 50 2.34 -14.58 -10.02
CA LYS G 50 2.15 -13.68 -11.14
C LYS G 50 3.39 -12.92 -11.61
N LYS G 51 3.39 -12.60 -12.89
CA LYS G 51 4.49 -11.87 -13.51
C LYS G 51 3.90 -10.95 -14.57
N VAL G 52 4.34 -9.69 -14.57
CA VAL G 52 3.88 -8.72 -15.56
C VAL G 52 5.12 -8.33 -16.33
N VAL G 53 5.06 -8.50 -17.65
CA VAL G 53 6.21 -8.18 -18.48
C VAL G 53 6.05 -6.81 -19.14
N VAL G 54 6.94 -5.90 -18.77
CA VAL G 54 6.94 -4.53 -19.29
C VAL G 54 8.21 -4.32 -20.12
N LYS G 55 8.26 -3.21 -20.84
CA LYS G 55 9.43 -2.92 -21.66
C LYS G 55 9.91 -1.48 -21.51
N VAL G 56 11.17 -1.25 -21.85
CA VAL G 56 11.80 0.06 -21.82
C VAL G 56 12.61 0.14 -23.11
N ASN G 57 12.99 1.35 -23.53
CA ASN G 57 13.74 1.48 -24.77
C ASN G 57 15.16 2.01 -24.65
N SER G 58 15.79 1.79 -23.49
CA SER G 58 17.16 2.27 -23.31
C SER G 58 17.80 1.67 -22.08
N GLU G 59 19.13 1.61 -22.09
CA GLU G 59 19.87 1.06 -20.95
C GLU G 59 19.69 1.90 -19.71
N LYS G 60 19.81 3.22 -19.85
CA LYS G 60 19.65 4.10 -18.70
C LYS G 60 18.32 3.87 -18.02
N GLU G 61 17.23 3.98 -18.79
CA GLU G 61 15.90 3.76 -18.25
C GLU G 61 15.90 2.44 -17.47
N LEU G 62 16.46 1.40 -18.10
CA LEU G 62 16.53 0.09 -17.46
C LEU G 62 17.31 0.22 -16.15
N ILE G 63 18.49 0.83 -16.24
CA ILE G 63 19.37 1.05 -15.09
C ILE G 63 18.60 1.78 -13.99
N ASP G 64 17.98 2.90 -14.38
CA ASP G 64 17.22 3.70 -13.45
C ASP G 64 16.13 2.86 -12.78
N ILE G 65 15.38 2.12 -13.59
CA ILE G 65 14.33 1.28 -13.02
C ILE G 65 14.99 0.33 -12.03
N TYR G 66 16.13 -0.23 -12.41
CA TYR G 66 16.86 -1.13 -11.53
C TYR G 66 17.33 -0.41 -10.27
N ASN G 67 17.90 0.78 -10.45
CA ASN G 67 18.38 1.58 -9.32
C ASN G 67 17.28 1.76 -8.28
N LYS G 68 16.17 2.37 -8.69
CA LYS G 68 15.05 2.61 -7.79
C LYS G 68 14.63 1.31 -7.10
N ALA G 69 14.50 0.24 -7.89
CA ALA G 69 14.12 -1.05 -7.35
C ALA G 69 15.06 -1.47 -6.22
N ARG G 70 16.28 -0.93 -6.26
CA ARG G 70 17.28 -1.26 -5.26
C ARG G 70 17.15 -0.39 -4.02
N SER G 71 17.24 0.92 -4.22
CA SER G 71 17.16 1.86 -3.12
C SER G 71 15.90 1.63 -2.29
N GLU G 72 14.82 1.22 -2.98
CA GLU G 72 13.57 0.98 -2.27
C GLU G 72 13.66 -0.30 -1.40
N GLY G 73 14.77 -1.05 -1.58
CA GLY G 73 14.97 -2.24 -0.81
C GLY G 73 14.19 -3.39 -1.41
N LEU G 74 13.65 -3.15 -2.59
CA LEU G 74 12.85 -4.14 -3.30
C LEU G 74 13.73 -5.20 -3.97
N PRO G 75 13.34 -6.48 -3.88
CA PRO G 75 14.14 -7.54 -4.50
C PRO G 75 14.20 -7.28 -6.01
N CYS G 76 15.32 -7.60 -6.63
CA CYS G 76 15.46 -7.40 -8.07
C CYS G 76 16.76 -7.94 -8.62
N SER G 77 16.90 -7.85 -9.94
CA SER G 77 18.09 -8.33 -10.61
C SER G 77 18.34 -7.51 -11.86
N ILE G 78 19.55 -7.65 -12.40
CA ILE G 78 19.97 -6.96 -13.61
C ILE G 78 20.71 -8.01 -14.44
N ILE G 79 20.37 -8.12 -15.72
CA ILE G 79 20.99 -9.11 -16.58
C ILE G 79 21.70 -8.47 -17.76
N ARG G 80 22.88 -8.98 -18.09
CA ARG G 80 23.64 -8.47 -19.22
C ARG G 80 23.85 -9.52 -20.29
N ASP G 81 23.82 -9.07 -21.55
CA ASP G 81 24.03 -9.97 -22.68
C ASP G 81 25.28 -9.57 -23.43
N ALA G 82 26.32 -10.37 -23.31
CA ALA G 82 27.54 -10.08 -24.03
C ALA G 82 27.32 -10.46 -25.49
N GLY G 83 27.03 -9.46 -26.33
CA GLY G 83 26.80 -9.71 -27.74
C GLY G 83 26.91 -8.43 -28.55
N PRO G 89 26.89 -4.09 -29.54
CA PRO G 89 28.04 -3.75 -28.71
C PRO G 89 28.03 -4.52 -27.40
N GLY G 90 27.15 -4.09 -26.49
CA GLY G 90 27.08 -4.77 -25.19
C GLY G 90 26.39 -3.89 -24.13
N THR G 91 25.07 -4.13 -24.00
CA THR G 91 24.29 -3.39 -23.01
C THR G 91 23.48 -4.35 -22.14
N LEU G 92 22.85 -3.82 -21.08
CA LEU G 92 22.05 -4.69 -20.21
C LEU G 92 20.67 -4.97 -20.86
N THR G 93 20.25 -6.25 -20.83
CA THR G 93 19.03 -6.61 -21.60
C THR G 93 17.74 -6.70 -20.79
N ALA G 94 17.83 -6.99 -19.50
CA ALA G 94 16.61 -7.12 -18.72
C ALA G 94 16.76 -6.96 -17.22
N VAL G 95 15.66 -6.58 -16.59
CA VAL G 95 15.59 -6.37 -15.15
C VAL G 95 14.35 -7.07 -14.59
N ALA G 96 14.48 -7.61 -13.39
CA ALA G 96 13.37 -8.27 -12.73
C ALA G 96 13.21 -7.69 -11.34
N ILE G 97 12.00 -7.24 -11.02
CA ILE G 97 11.70 -6.64 -9.72
C ILE G 97 10.67 -7.47 -8.97
N GLY G 98 11.03 -7.91 -7.77
CA GLY G 98 10.12 -8.69 -6.95
C GLY G 98 10.45 -10.17 -6.90
N PRO G 99 9.48 -11.00 -6.47
CA PRO G 99 8.15 -10.58 -6.05
C PRO G 99 8.14 -9.65 -4.83
N GLU G 100 7.07 -8.88 -4.69
CA GLU G 100 6.90 -7.94 -3.59
C GLU G 100 5.49 -7.35 -3.65
N LYS G 101 5.15 -6.51 -2.68
CA LYS G 101 3.83 -5.88 -2.63
C LYS G 101 3.55 -5.21 -3.97
N ASP G 102 2.30 -5.28 -4.43
CA ASP G 102 1.96 -4.66 -5.70
C ASP G 102 2.13 -3.14 -5.63
N GLU G 103 1.58 -2.54 -4.58
CA GLU G 103 1.66 -1.11 -4.34
C GLU G 103 3.10 -0.63 -4.33
N LYS G 104 3.96 -1.44 -3.72
CA LYS G 104 5.38 -1.15 -3.62
C LYS G 104 6.00 -1.00 -5.01
N ILE G 105 6.00 -2.09 -5.76
CA ILE G 105 6.58 -2.13 -7.09
C ILE G 105 5.94 -1.14 -8.08
N ASP G 106 4.62 -1.02 -8.04
CA ASP G 106 3.91 -0.14 -8.96
C ASP G 106 4.44 1.30 -8.99
N LYS G 107 4.68 1.87 -7.82
CA LYS G 107 5.17 3.24 -7.76
C LYS G 107 6.40 3.43 -8.63
N ILE G 108 7.08 2.33 -8.94
CA ILE G 108 8.27 2.37 -9.77
C ILE G 108 8.00 1.93 -11.21
N THR G 109 7.24 0.85 -11.36
CA THR G 109 6.94 0.28 -12.68
C THR G 109 5.57 0.61 -13.28
N GLY G 110 4.60 0.87 -12.41
CA GLY G 110 3.24 1.17 -12.86
C GLY G 110 3.08 1.92 -14.18
N HIS G 111 3.97 2.85 -14.44
CA HIS G 111 3.94 3.67 -15.65
C HIS G 111 4.48 2.98 -16.92
N LEU G 112 5.27 1.93 -16.74
CA LEU G 112 5.86 1.23 -17.89
C LEU G 112 4.86 0.52 -18.80
N LYS G 113 5.15 0.52 -20.09
CA LYS G 113 4.28 -0.14 -21.07
C LYS G 113 4.52 -1.65 -21.06
N LEU G 114 3.53 -2.40 -21.53
CA LEU G 114 3.62 -3.86 -21.58
C LEU G 114 4.34 -4.34 -22.84
N LEU G 115 5.16 -5.38 -22.70
CA LEU G 115 5.91 -5.93 -23.81
C LEU G 115 4.97 -6.65 -24.79
N MET H 1 25.24 -28.67 -19.13
CA MET H 1 24.47 -28.20 -17.93
C MET H 1 23.68 -26.94 -18.31
N LYS H 2 22.66 -27.12 -19.14
CA LYS H 2 21.83 -26.02 -19.59
C LYS H 2 20.35 -26.36 -19.43
N MET H 3 19.51 -25.34 -19.43
CA MET H 3 18.06 -25.54 -19.33
C MET H 3 17.41 -25.18 -20.66
N VAL H 4 16.44 -25.98 -21.06
CA VAL H 4 15.73 -25.74 -22.31
C VAL H 4 14.30 -25.36 -21.99
N VAL H 5 13.82 -24.27 -22.57
CA VAL H 5 12.45 -23.80 -22.35
C VAL H 5 11.66 -23.91 -23.64
N VAL H 6 10.55 -24.64 -23.60
CA VAL H 6 9.70 -24.85 -24.76
C VAL H 6 8.41 -24.03 -24.64
N ILE H 7 8.21 -23.15 -25.61
CA ILE H 7 7.03 -22.29 -25.64
C ILE H 7 6.21 -22.66 -26.86
N ARG H 8 4.88 -22.67 -26.72
CA ARG H 8 4.04 -22.98 -27.87
C ARG H 8 4.12 -21.76 -28.77
N ASN H 9 4.39 -22.00 -30.06
CA ASN H 9 4.52 -20.91 -31.02
C ASN H 9 3.30 -20.81 -31.92
N ASP H 10 2.26 -21.58 -31.59
CA ASP H 10 1.04 -21.61 -32.38
C ASP H 10 -0.21 -21.01 -31.71
N LEU H 11 -0.07 -20.53 -30.49
CA LEU H 11 -1.21 -19.97 -29.77
C LEU H 11 -1.38 -18.46 -29.94
N GLY H 12 -0.53 -17.86 -30.77
CA GLY H 12 -0.63 -16.44 -30.99
C GLY H 12 -0.18 -15.63 -29.79
N MET H 13 0.52 -16.27 -28.86
CA MET H 13 1.01 -15.57 -27.67
C MET H 13 1.97 -14.43 -28.03
N GLY H 14 1.77 -13.29 -27.38
CA GLY H 14 2.62 -12.12 -27.62
C GLY H 14 3.91 -12.23 -26.85
N LYS H 15 4.91 -11.46 -27.27
CA LYS H 15 6.22 -11.46 -26.61
C LYS H 15 6.10 -11.48 -25.08
N GLY H 16 5.33 -10.54 -24.54
CA GLY H 16 5.15 -10.47 -23.10
C GLY H 16 4.66 -11.77 -22.49
N LYS H 17 3.64 -12.35 -23.11
CA LYS H 17 3.04 -13.60 -22.66
C LYS H 17 4.06 -14.74 -22.62
N MET H 18 4.77 -14.91 -23.73
CA MET H 18 5.79 -15.96 -23.81
C MET H 18 6.80 -15.82 -22.68
N VAL H 19 7.24 -14.58 -22.45
CA VAL H 19 8.20 -14.33 -21.37
C VAL H 19 7.63 -14.75 -20.02
N ALA H 20 6.37 -14.43 -19.78
CA ALA H 20 5.74 -14.76 -18.51
C ALA H 20 5.54 -16.26 -18.34
N GLN H 21 5.02 -16.91 -19.37
CA GLN H 21 4.77 -18.34 -19.32
C GLN H 21 6.09 -19.12 -19.26
N GLY H 22 7.06 -18.67 -20.08
CA GLY H 22 8.38 -19.28 -19.98
C GLY H 22 8.89 -19.13 -18.55
N GLY H 23 8.62 -17.93 -18.01
CA GLY H 23 9.04 -17.61 -16.67
C GLY H 23 8.47 -18.59 -15.64
N HIS H 24 7.17 -18.84 -15.68
CA HIS H 24 6.55 -19.77 -14.74
C HIS H 24 7.22 -21.15 -14.84
N ALA H 25 7.38 -21.63 -16.08
CA ALA H 25 8.00 -22.93 -16.34
C ALA H 25 9.41 -23.04 -15.77
N ILE H 26 10.15 -21.94 -15.87
CA ILE H 26 11.52 -21.88 -15.36
C ILE H 26 11.56 -21.99 -13.84
N ILE H 27 10.90 -21.03 -13.15
CA ILE H 27 10.94 -21.05 -11.69
C ILE H 27 10.43 -22.39 -11.15
N GLU H 28 9.57 -23.04 -11.94
CA GLU H 28 9.07 -24.34 -11.50
C GLU H 28 10.11 -25.43 -11.73
N ALA H 29 10.55 -25.55 -13.00
CA ALA H 29 11.55 -26.57 -13.27
C ALA H 29 12.80 -26.40 -12.40
N PHE H 30 12.97 -25.18 -11.87
CA PHE H 30 14.13 -24.90 -11.02
C PHE H 30 13.90 -25.43 -9.58
N LEU H 31 12.78 -24.96 -8.96
CA LEU H 31 12.50 -25.50 -7.65
C LEU H 31 12.54 -27.02 -7.69
N ASP H 32 12.02 -27.56 -8.80
CA ASP H 32 12.15 -28.97 -9.04
C ASP H 32 13.62 -29.45 -8.99
N ALA H 33 14.55 -28.48 -9.12
CA ALA H 33 15.97 -28.86 -9.13
C ALA H 33 16.41 -29.47 -7.77
N LYS H 34 15.39 -29.66 -6.89
CA LYS H 34 15.55 -30.37 -5.63
C LYS H 34 16.10 -31.80 -5.79
N ARG H 35 15.62 -32.52 -6.83
CA ARG H 35 16.04 -33.90 -6.95
C ARG H 35 17.23 -34.02 -7.89
N LYS H 36 18.08 -32.98 -7.72
CA LYS H 36 19.25 -32.78 -8.55
C LYS H 36 20.39 -32.27 -7.66
N ALA H 40 24.44 -30.18 -9.64
CA ALA H 40 23.64 -30.07 -10.86
C ALA H 40 23.16 -28.65 -11.09
N VAL H 41 22.53 -28.06 -10.07
CA VAL H 41 22.02 -26.69 -10.17
C VAL H 41 23.09 -25.68 -9.77
N ASP H 42 23.61 -25.79 -8.54
CA ASP H 42 24.65 -24.87 -8.08
C ASP H 42 25.71 -24.76 -9.15
N GLU H 43 25.91 -25.86 -9.88
CA GLU H 43 26.86 -25.91 -10.98
C GLU H 43 26.32 -25.00 -12.07
N TRP H 44 25.09 -25.29 -12.48
CA TRP H 44 24.39 -24.52 -13.51
C TRP H 44 24.43 -23.03 -13.17
N LEU H 45 24.12 -22.70 -11.93
CA LEU H 45 24.12 -21.32 -11.47
C LEU H 45 25.50 -20.68 -11.62
N ARG H 46 26.51 -21.34 -11.08
CA ARG H 46 27.88 -20.81 -11.15
C ARG H 46 28.41 -20.80 -12.59
N GLU H 47 27.79 -21.60 -13.46
CA GLU H 47 28.21 -21.69 -14.86
C GLU H 47 27.55 -20.66 -15.79
N GLY H 48 26.61 -19.88 -15.26
CA GLY H 48 25.95 -18.87 -16.06
C GLY H 48 24.54 -19.23 -16.48
N GLN H 49 24.01 -20.28 -15.86
CA GLN H 49 22.65 -20.77 -16.11
C GLN H 49 22.16 -20.65 -17.55
N LYS H 50 22.90 -21.26 -18.48
CA LYS H 50 22.53 -21.21 -19.89
C LYS H 50 21.09 -21.68 -20.11
N LYS H 51 20.37 -20.98 -20.99
CA LYS H 51 19.00 -21.32 -21.31
C LYS H 51 18.80 -21.26 -22.81
N VAL H 52 18.35 -22.37 -23.37
CA VAL H 52 18.09 -22.45 -24.79
C VAL H 52 16.58 -22.58 -24.92
N VAL H 53 15.95 -21.55 -25.49
CA VAL H 53 14.50 -21.56 -25.66
C VAL H 53 14.11 -22.18 -26.99
N VAL H 54 13.32 -23.26 -26.93
CA VAL H 54 12.86 -23.95 -28.13
C VAL H 54 11.36 -23.79 -28.30
N LYS H 55 10.82 -24.27 -29.41
CA LYS H 55 9.39 -24.14 -29.68
C LYS H 55 8.72 -25.43 -30.16
N VAL H 56 7.40 -25.45 -30.02
CA VAL H 56 6.57 -26.57 -30.46
C VAL H 56 5.29 -25.94 -30.99
N ASN H 57 4.57 -26.65 -31.86
CA ASN H 57 3.36 -26.09 -32.45
C ASN H 57 2.08 -26.86 -32.18
N SER H 58 1.95 -27.42 -30.98
CA SER H 58 0.75 -28.16 -30.64
C SER H 58 0.79 -28.55 -29.17
N GLU H 59 -0.37 -28.76 -28.58
CA GLU H 59 -0.42 -29.15 -27.18
C GLU H 59 0.18 -30.54 -27.05
N LYS H 60 -0.19 -31.43 -27.96
CA LYS H 60 0.32 -32.79 -27.93
C LYS H 60 1.86 -32.79 -28.02
N GLU H 61 2.42 -32.02 -28.94
CA GLU H 61 3.88 -31.98 -29.05
C GLU H 61 4.48 -31.42 -27.77
N LEU H 62 3.86 -30.40 -27.21
CA LEU H 62 4.37 -29.83 -25.96
C LEU H 62 4.47 -30.91 -24.88
N ILE H 63 3.33 -31.58 -24.63
CA ILE H 63 3.39 -32.71 -23.70
C ILE H 63 4.22 -33.86 -24.31
N ASP H 64 4.39 -33.79 -25.65
CA ASP H 64 5.22 -34.78 -26.36
C ASP H 64 6.71 -34.61 -26.03
N ILE H 65 7.10 -33.36 -25.66
CA ILE H 65 8.48 -33.17 -25.21
C ILE H 65 8.57 -33.51 -23.72
N TYR H 66 7.48 -33.17 -23.01
CA TYR H 66 7.28 -33.58 -21.64
C TYR H 66 7.44 -35.08 -21.45
N ASN H 67 7.10 -35.82 -22.53
CA ASN H 67 7.12 -37.27 -22.42
C ASN H 67 8.54 -37.82 -22.36
N LYS H 68 9.29 -37.32 -21.34
CA LYS H 68 10.63 -37.82 -21.08
C LYS H 68 11.15 -37.38 -19.71
N ALA H 69 11.33 -36.04 -19.78
CA ALA H 69 11.76 -35.22 -18.66
C ALA H 69 11.23 -35.68 -17.30
N ARG H 70 9.94 -36.05 -17.18
CA ARG H 70 9.45 -36.46 -15.86
C ARG H 70 10.06 -37.79 -15.37
N SER H 71 11.21 -38.16 -15.99
CA SER H 71 12.01 -39.31 -15.57
C SER H 71 13.38 -39.32 -16.21
N GLU H 72 13.40 -39.43 -17.55
CA GLU H 72 14.67 -39.43 -18.27
C GLU H 72 15.51 -38.20 -17.92
N GLY H 73 14.92 -37.01 -18.15
CA GLY H 73 15.55 -35.78 -17.71
C GLY H 73 14.75 -35.12 -16.57
N LEU H 74 14.86 -35.74 -15.39
CA LEU H 74 13.92 -35.48 -14.29
C LEU H 74 13.48 -34.03 -14.09
N PRO H 75 14.42 -33.08 -13.84
CA PRO H 75 14.02 -31.70 -13.58
C PRO H 75 13.29 -31.09 -14.79
N CYS H 76 12.03 -30.72 -14.57
CA CYS H 76 11.27 -30.30 -15.73
C CYS H 76 9.90 -29.86 -15.34
N SER H 77 9.15 -29.33 -16.29
CA SER H 77 8.04 -28.45 -15.97
C SER H 77 7.00 -28.40 -17.10
N ILE H 78 5.78 -27.99 -16.74
CA ILE H 78 4.69 -27.84 -17.70
C ILE H 78 3.62 -26.96 -17.04
N ILE H 79 3.34 -25.80 -17.64
CA ILE H 79 2.39 -24.86 -17.08
C ILE H 79 0.99 -24.88 -17.72
N ARG H 80 -0.03 -24.76 -16.87
CA ARG H 80 -1.43 -24.77 -17.32
C ARG H 80 -2.04 -23.41 -17.00
N ASP H 81 -2.86 -22.89 -17.90
CA ASP H 81 -3.46 -21.60 -17.66
C ASP H 81 -4.89 -21.73 -17.18
N ALA H 82 -5.15 -21.26 -15.96
CA ALA H 82 -6.51 -21.29 -15.43
C ALA H 82 -7.53 -20.85 -16.49
N GLY H 83 -7.11 -19.99 -17.42
CA GLY H 83 -7.99 -19.53 -18.50
C GLY H 83 -8.66 -18.15 -18.47
N HIS H 84 -8.13 -17.21 -17.67
CA HIS H 84 -8.66 -15.84 -17.53
C HIS H 84 -8.23 -14.87 -18.66
N THR H 85 -7.40 -15.38 -19.56
CA THR H 85 -6.85 -14.49 -20.61
C THR H 85 -7.39 -14.81 -22.02
N GLN H 86 -6.72 -14.20 -23.02
CA GLN H 86 -7.09 -14.47 -24.41
C GLN H 86 -6.89 -15.94 -24.78
N LEU H 87 -6.09 -16.63 -23.93
CA LEU H 87 -5.91 -18.07 -24.07
C LEU H 87 -7.13 -18.83 -23.53
N GLU H 88 -7.44 -19.95 -24.16
CA GLU H 88 -8.56 -20.77 -23.73
C GLU H 88 -8.26 -21.50 -22.42
N PRO H 89 -9.32 -21.84 -21.66
CA PRO H 89 -9.10 -22.54 -20.39
C PRO H 89 -8.40 -23.87 -20.65
N GLY H 90 -7.47 -24.22 -19.77
CA GLY H 90 -6.76 -25.47 -19.90
C GLY H 90 -5.63 -25.45 -20.92
N THR H 91 -5.21 -24.27 -21.37
CA THR H 91 -4.13 -24.23 -22.34
C THR H 91 -2.81 -24.53 -21.65
N LEU H 92 -2.06 -25.48 -22.19
CA LEU H 92 -0.75 -25.84 -21.64
C LEU H 92 0.18 -25.04 -22.53
N THR H 93 0.68 -23.95 -21.97
CA THR H 93 1.55 -23.00 -22.67
C THR H 93 3.03 -23.31 -22.78
N ALA H 94 3.65 -23.75 -21.69
CA ALA H 94 5.08 -24.00 -21.70
C ALA H 94 5.54 -25.22 -20.94
N VAL H 95 6.81 -25.56 -21.19
CA VAL H 95 7.49 -26.68 -20.57
C VAL H 95 8.97 -26.31 -20.48
N ALA H 96 9.64 -26.75 -19.42
CA ALA H 96 11.06 -26.42 -19.29
C ALA H 96 11.89 -27.65 -18.92
N ILE H 97 12.85 -27.98 -19.81
CA ILE H 97 13.69 -29.14 -19.56
C ILE H 97 15.02 -28.74 -18.92
N GLY H 98 15.12 -29.02 -17.60
CA GLY H 98 16.35 -28.69 -16.88
C GLY H 98 16.05 -28.19 -15.47
N PRO H 99 17.11 -27.68 -14.81
CA PRO H 99 18.43 -27.59 -15.41
C PRO H 99 19.12 -28.96 -15.45
N GLU H 100 20.03 -29.10 -16.43
CA GLU H 100 20.78 -30.36 -16.53
C GLU H 100 21.75 -30.32 -17.71
N GLY H 110 16.47 -32.15 -28.59
CA GLY H 110 17.69 -31.87 -29.34
C GLY H 110 17.38 -31.49 -30.79
N HIS H 111 16.21 -31.98 -31.27
CA HIS H 111 15.78 -31.67 -32.63
C HIS H 111 14.79 -30.49 -32.65
N LEU H 112 14.46 -29.98 -31.45
CA LEU H 112 13.53 -28.85 -31.33
C LEU H 112 14.14 -27.55 -31.85
N LYS H 113 13.46 -26.92 -32.80
CA LYS H 113 13.93 -25.67 -33.40
C LYS H 113 13.92 -24.56 -32.36
N LEU H 114 14.79 -23.56 -32.55
CA LEU H 114 14.88 -22.42 -31.63
C LEU H 114 13.73 -21.42 -31.79
N LEU H 115 13.24 -20.92 -30.66
CA LEU H 115 12.15 -19.96 -30.67
C LEU H 115 12.64 -18.60 -31.15
N MET I 1 -45.23 -14.02 -0.12
CA MET I 1 -43.99 -13.17 -0.05
C MET I 1 -44.26 -11.76 -0.57
N LYS I 2 -43.21 -10.99 -0.85
CA LYS I 2 -43.41 -9.61 -1.33
C LYS I 2 -42.15 -8.91 -1.82
N MET I 3 -42.35 -7.80 -2.50
CA MET I 3 -41.25 -6.98 -3.01
C MET I 3 -41.36 -5.63 -2.35
N VAL I 4 -40.26 -5.10 -1.83
CA VAL I 4 -40.33 -3.79 -1.22
C VAL I 4 -39.66 -2.81 -2.17
N VAL I 5 -40.37 -1.74 -2.52
CA VAL I 5 -39.87 -0.70 -3.39
C VAL I 5 -39.48 0.52 -2.57
N VAL I 6 -38.21 0.91 -2.62
CA VAL I 6 -37.68 2.04 -1.88
C VAL I 6 -37.46 3.23 -2.80
N ILE I 7 -38.17 4.32 -2.54
CA ILE I 7 -38.10 5.54 -3.36
C ILE I 7 -37.50 6.71 -2.57
N ARG I 8 -36.54 7.44 -3.17
CA ARG I 8 -35.95 8.59 -2.51
C ARG I 8 -37.00 9.70 -2.48
N ASN I 9 -37.21 10.28 -1.32
CA ASN I 9 -38.22 11.33 -1.19
C ASN I 9 -37.58 12.73 -1.12
N ASP I 10 -36.27 12.80 -1.38
CA ASP I 10 -35.54 14.07 -1.30
C ASP I 10 -35.08 14.62 -2.65
N LEU I 11 -35.69 14.16 -3.75
CA LEU I 11 -35.30 14.62 -5.07
C LEU I 11 -36.36 15.49 -5.72
N GLY I 12 -37.47 15.71 -5.03
CA GLY I 12 -38.53 16.51 -5.60
C GLY I 12 -39.21 15.80 -6.76
N MET I 13 -39.09 14.48 -6.82
CA MET I 13 -39.73 13.75 -7.90
C MET I 13 -41.25 13.82 -7.76
N GLY I 14 -41.93 14.09 -8.87
CA GLY I 14 -43.37 14.16 -8.87
C GLY I 14 -43.91 12.74 -8.89
N LYS I 15 -45.22 12.60 -8.90
CA LYS I 15 -45.86 11.29 -8.91
C LYS I 15 -45.50 10.48 -10.16
N GLY I 16 -45.52 11.11 -11.33
CA GLY I 16 -45.19 10.39 -12.55
C GLY I 16 -43.78 9.85 -12.53
N LYS I 17 -42.84 10.69 -12.08
CA LYS I 17 -41.43 10.30 -11.99
C LYS I 17 -41.23 9.13 -11.04
N MET I 18 -41.87 9.20 -9.86
CA MET I 18 -41.75 8.13 -8.88
C MET I 18 -42.31 6.80 -9.40
N VAL I 19 -43.38 6.87 -10.19
CA VAL I 19 -43.98 5.68 -10.76
C VAL I 19 -43.00 5.03 -11.74
N ALA I 20 -42.41 5.85 -12.61
CA ALA I 20 -41.44 5.37 -13.60
C ALA I 20 -40.16 4.80 -12.97
N GLN I 21 -39.58 5.53 -12.02
CA GLN I 21 -38.35 5.07 -11.38
C GLN I 21 -38.61 3.83 -10.57
N GLY I 22 -39.71 3.82 -9.83
CA GLY I 22 -40.07 2.67 -9.02
C GLY I 22 -40.32 1.53 -9.99
N GLY I 23 -40.95 1.85 -11.12
CA GLY I 23 -41.21 0.84 -12.13
C GLY I 23 -39.90 0.24 -12.64
N HIS I 24 -38.90 1.09 -12.88
CA HIS I 24 -37.61 0.59 -13.34
C HIS I 24 -37.05 -0.39 -12.32
N ALA I 25 -37.01 0.03 -11.06
CA ALA I 25 -36.49 -0.80 -9.99
C ALA I 25 -37.25 -2.12 -9.89
N ILE I 26 -38.58 -2.04 -9.88
CA ILE I 26 -39.43 -3.22 -9.80
C ILE I 26 -39.09 -4.27 -10.86
N ILE I 27 -38.97 -3.84 -12.11
CA ILE I 27 -38.64 -4.76 -13.18
C ILE I 27 -37.24 -5.34 -13.00
N GLU I 28 -36.24 -4.48 -12.78
CA GLU I 28 -34.87 -4.96 -12.59
C GLU I 28 -34.81 -5.94 -11.41
N ALA I 29 -35.51 -5.61 -10.33
CA ALA I 29 -35.52 -6.49 -9.16
C ALA I 29 -36.18 -7.81 -9.54
N PHE I 30 -37.17 -7.74 -10.42
CA PHE I 30 -37.89 -8.93 -10.88
C PHE I 30 -36.94 -9.81 -11.70
N LEU I 31 -36.29 -9.22 -12.70
CA LEU I 31 -35.37 -9.96 -13.54
C LEU I 31 -34.19 -10.51 -12.74
N ASP I 32 -33.95 -9.93 -11.56
CA ASP I 32 -32.85 -10.39 -10.71
C ASP I 32 -33.33 -11.58 -9.91
N ALA I 33 -34.56 -11.51 -9.41
CA ALA I 33 -35.12 -12.61 -8.63
C ALA I 33 -35.37 -13.80 -9.55
N LYS I 34 -35.65 -13.50 -10.82
CA LYS I 34 -35.94 -14.53 -11.79
C LYS I 34 -34.69 -15.35 -12.17
N ARG I 35 -33.57 -14.68 -12.36
CA ARG I 35 -32.34 -15.38 -12.72
C ARG I 35 -31.87 -16.21 -11.54
N LYS I 36 -32.07 -15.69 -10.33
CA LYS I 36 -31.66 -16.40 -9.14
C LYS I 36 -32.54 -17.59 -8.83
N ASN I 37 -33.85 -17.45 -9.00
CA ASN I 37 -34.78 -18.56 -8.72
C ASN I 37 -36.14 -18.33 -9.40
N PRO I 38 -36.23 -18.66 -10.70
CA PRO I 38 -37.46 -18.51 -11.50
C PRO I 38 -38.72 -18.94 -10.76
N ARG I 39 -38.66 -20.12 -10.15
CA ARG I 39 -39.80 -20.66 -9.42
C ARG I 39 -40.25 -19.77 -8.27
N ALA I 40 -39.30 -19.14 -7.58
CA ALA I 40 -39.62 -18.26 -6.46
C ALA I 40 -40.41 -17.06 -6.95
N VAL I 41 -40.10 -16.61 -8.15
CA VAL I 41 -40.79 -15.48 -8.73
C VAL I 41 -42.22 -15.85 -9.10
N ASP I 42 -42.41 -17.05 -9.64
CA ASP I 42 -43.76 -17.48 -10.00
C ASP I 42 -44.63 -17.55 -8.75
N GLU I 43 -44.03 -17.98 -7.65
CA GLU I 43 -44.77 -18.08 -6.39
C GLU I 43 -45.36 -16.72 -6.07
N TRP I 44 -44.52 -15.68 -6.17
CA TRP I 44 -44.92 -14.31 -5.88
C TRP I 44 -46.09 -13.87 -6.75
N LEU I 45 -45.96 -14.08 -8.07
CA LEU I 45 -47.02 -13.71 -9.00
C LEU I 45 -48.32 -14.38 -8.57
N ARG I 46 -48.22 -15.67 -8.25
CA ARG I 46 -49.39 -16.44 -7.83
C ARG I 46 -50.06 -15.84 -6.59
N GLU I 47 -49.23 -15.40 -5.65
CA GLU I 47 -49.70 -14.83 -4.40
C GLU I 47 -50.21 -13.39 -4.47
N GLY I 48 -50.26 -12.83 -5.67
CA GLY I 48 -50.75 -11.47 -5.81
C GLY I 48 -49.66 -10.41 -5.95
N GLN I 49 -48.41 -10.86 -6.06
CA GLN I 49 -47.26 -9.98 -6.20
C GLN I 49 -47.32 -8.72 -5.35
N LYS I 50 -47.51 -8.89 -4.04
CA LYS I 50 -47.59 -7.75 -3.15
C LYS I 50 -46.35 -6.86 -3.21
N LYS I 51 -46.59 -5.55 -3.15
CA LYS I 51 -45.53 -4.56 -3.17
C LYS I 51 -45.82 -3.52 -2.09
N VAL I 52 -44.81 -3.19 -1.29
CA VAL I 52 -44.96 -2.17 -0.26
C VAL I 52 -43.99 -1.07 -0.68
N VAL I 53 -44.46 0.17 -0.70
CA VAL I 53 -43.60 1.27 -1.12
C VAL I 53 -43.15 2.12 0.07
N VAL I 54 -41.86 2.11 0.33
CA VAL I 54 -41.30 2.87 1.42
C VAL I 54 -40.42 3.99 0.87
N LYS I 55 -39.93 4.86 1.75
CA LYS I 55 -39.10 5.98 1.35
C LYS I 55 -37.87 6.13 2.21
N VAL I 56 -36.82 6.69 1.62
CA VAL I 56 -35.58 6.98 2.31
C VAL I 56 -35.41 8.48 2.09
N ASN I 57 -34.62 9.14 2.93
CA ASN I 57 -34.46 10.58 2.81
C ASN I 57 -33.19 11.07 2.09
N SER I 58 -32.30 10.15 1.73
CA SER I 58 -31.07 10.56 1.07
C SER I 58 -30.44 9.47 0.22
N GLU I 59 -29.49 9.87 -0.61
CA GLU I 59 -28.79 8.94 -1.49
C GLU I 59 -28.09 7.86 -0.69
N LYS I 60 -27.42 8.25 0.39
CA LYS I 60 -26.72 7.28 1.23
C LYS I 60 -27.65 6.25 1.87
N GLU I 61 -28.83 6.68 2.31
CA GLU I 61 -29.75 5.74 2.91
C GLU I 61 -30.18 4.75 1.82
N LEU I 62 -30.56 5.28 0.66
CA LEU I 62 -30.96 4.44 -0.46
C LEU I 62 -29.85 3.43 -0.76
N ILE I 63 -28.65 3.95 -0.98
CA ILE I 63 -27.48 3.13 -1.27
C ILE I 63 -27.25 2.07 -0.20
N ASP I 64 -27.39 2.46 1.06
CA ASP I 64 -27.18 1.54 2.17
C ASP I 64 -28.18 0.39 2.16
N ILE I 65 -29.46 0.70 1.88
CA ILE I 65 -30.48 -0.34 1.84
C ILE I 65 -30.13 -1.35 0.76
N TYR I 66 -29.77 -0.85 -0.43
CA TYR I 66 -29.40 -1.71 -1.55
C TYR I 66 -28.17 -2.56 -1.26
N ASN I 67 -27.11 -1.92 -0.78
CA ASN I 67 -25.86 -2.60 -0.47
C ASN I 67 -26.08 -3.71 0.54
N LYS I 68 -26.94 -3.48 1.52
CA LYS I 68 -27.24 -4.47 2.53
C LYS I 68 -27.94 -5.67 1.88
N ALA I 69 -29.00 -5.39 1.12
CA ALA I 69 -29.73 -6.46 0.45
C ALA I 69 -28.76 -7.35 -0.32
N ARG I 70 -27.84 -6.73 -1.06
CA ARG I 70 -26.85 -7.49 -1.82
C ARG I 70 -26.06 -8.35 -0.86
N SER I 71 -25.84 -7.82 0.33
CA SER I 71 -25.11 -8.52 1.37
C SER I 71 -25.85 -9.84 1.65
N GLU I 72 -27.14 -9.73 1.94
CA GLU I 72 -27.97 -10.90 2.25
C GLU I 72 -28.23 -11.76 1.01
N GLY I 73 -27.70 -11.33 -0.13
CA GLY I 73 -27.88 -12.08 -1.36
C GLY I 73 -29.33 -12.18 -1.82
N LEU I 74 -30.11 -11.14 -1.54
CA LEU I 74 -31.52 -11.12 -1.92
C LEU I 74 -31.67 -10.48 -3.29
N PRO I 75 -32.74 -10.81 -4.01
CA PRO I 75 -32.89 -10.19 -5.32
C PRO I 75 -33.09 -8.70 -5.07
N CYS I 76 -32.48 -7.86 -5.88
CA CYS I 76 -32.66 -6.42 -5.68
C CYS I 76 -32.14 -5.66 -6.87
N SER I 77 -32.34 -4.34 -6.82
CA SER I 77 -31.88 -3.47 -7.88
C SER I 77 -31.72 -2.06 -7.34
N ILE I 78 -30.98 -1.24 -8.06
CA ILE I 78 -30.84 0.16 -7.69
C ILE I 78 -30.88 0.81 -9.05
N ILE I 79 -31.58 1.92 -9.15
CA ILE I 79 -31.74 2.59 -10.43
C ILE I 79 -30.96 3.89 -10.54
N ARG I 80 -30.42 4.13 -11.71
CA ARG I 80 -29.68 5.36 -11.95
C ARG I 80 -30.36 6.01 -13.13
N ASP I 81 -30.97 7.17 -12.89
CA ASP I 81 -31.68 7.88 -13.94
C ASP I 81 -30.74 8.89 -14.60
N ALA I 82 -30.61 8.80 -15.92
CA ALA I 82 -29.74 9.70 -16.68
C ALA I 82 -30.24 11.13 -16.68
N GLY I 83 -29.30 12.07 -16.83
CA GLY I 83 -29.68 13.47 -16.85
C GLY I 83 -30.22 13.86 -18.22
N GLN I 86 -29.89 19.51 -20.11
CA GLN I 86 -29.25 20.53 -19.32
C GLN I 86 -27.85 20.10 -18.84
N LEU I 87 -27.29 19.10 -19.58
CA LEU I 87 -25.98 18.55 -19.22
C LEU I 87 -25.86 18.39 -17.71
N GLU I 88 -26.96 17.86 -17.14
CA GLU I 88 -27.03 17.57 -15.71
C GLU I 88 -26.62 16.12 -15.49
N PRO I 89 -26.00 15.82 -14.33
CA PRO I 89 -25.57 14.46 -14.03
C PRO I 89 -26.71 13.50 -13.65
N GLY I 90 -26.49 12.21 -13.87
CA GLY I 90 -27.50 11.22 -13.54
C GLY I 90 -27.78 11.19 -12.05
N THR I 91 -28.82 10.48 -11.64
CA THR I 91 -29.19 10.40 -10.24
C THR I 91 -29.66 9.01 -9.80
N LEU I 92 -29.33 8.61 -8.58
CA LEU I 92 -29.78 7.32 -8.03
C LEU I 92 -31.16 7.65 -7.43
N THR I 93 -32.21 7.03 -7.96
CA THR I 93 -33.57 7.36 -7.53
C THR I 93 -34.37 6.33 -6.76
N ALA I 94 -34.19 5.05 -7.07
CA ALA I 94 -34.99 4.04 -6.42
C ALA I 94 -34.32 2.70 -6.28
N VAL I 95 -34.87 1.90 -5.38
CA VAL I 95 -34.38 0.57 -5.08
C VAL I 95 -35.57 -0.36 -4.88
N ALA I 96 -35.42 -1.61 -5.27
CA ALA I 96 -36.46 -2.61 -5.07
C ALA I 96 -35.77 -3.85 -4.51
N ILE I 97 -36.41 -4.48 -3.53
CA ILE I 97 -35.87 -5.68 -2.91
C ILE I 97 -36.92 -6.78 -2.95
N GLY I 98 -36.56 -7.94 -3.45
CA GLY I 98 -37.49 -9.05 -3.52
C GLY I 98 -37.94 -9.30 -4.93
N PRO I 99 -39.02 -10.07 -5.13
CA PRO I 99 -39.82 -10.68 -4.06
C PRO I 99 -39.03 -11.69 -3.26
N GLU I 100 -39.45 -11.88 -2.00
CA GLU I 100 -38.82 -12.80 -1.07
C GLU I 100 -39.76 -12.95 0.11
N LYS I 101 -39.45 -13.84 1.04
CA LYS I 101 -40.30 -14.01 2.21
C LYS I 101 -40.27 -12.71 3.01
N ASP I 102 -41.45 -12.31 3.51
CA ASP I 102 -41.54 -11.04 4.22
C ASP I 102 -40.36 -10.87 5.21
N GLU I 103 -40.27 -11.83 6.16
CA GLU I 103 -39.26 -11.78 7.23
C GLU I 103 -37.87 -11.36 6.71
N LYS I 104 -37.35 -12.07 5.71
CA LYS I 104 -36.03 -11.77 5.18
C LYS I 104 -35.88 -10.32 4.69
N ILE I 105 -36.98 -9.77 4.18
CA ILE I 105 -36.98 -8.41 3.66
C ILE I 105 -37.14 -7.42 4.81
N ASP I 106 -38.06 -7.73 5.72
CA ASP I 106 -38.32 -6.86 6.86
C ASP I 106 -37.05 -6.59 7.66
N LYS I 107 -36.12 -7.54 7.64
CA LYS I 107 -34.88 -7.35 8.38
C LYS I 107 -34.14 -6.11 7.90
N ILE I 108 -34.29 -5.80 6.62
CA ILE I 108 -33.63 -4.64 6.02
C ILE I 108 -34.49 -3.38 5.99
N THR I 109 -35.72 -3.52 5.49
CA THR I 109 -36.64 -2.39 5.34
C THR I 109 -37.76 -2.27 6.37
N GLY I 110 -37.78 -3.18 7.34
CA GLY I 110 -38.83 -3.16 8.34
C GLY I 110 -39.01 -1.88 9.12
N HIS I 111 -37.96 -1.07 9.20
CA HIS I 111 -37.98 0.17 9.95
C HIS I 111 -38.33 1.41 9.10
N LEU I 112 -38.27 1.26 7.78
CA LEU I 112 -38.56 2.37 6.89
C LEU I 112 -40.03 2.79 6.89
N LYS I 113 -40.25 4.09 6.74
CA LYS I 113 -41.60 4.63 6.70
C LYS I 113 -42.18 4.48 5.32
N LEU I 114 -43.48 4.23 5.25
CA LEU I 114 -44.16 4.08 3.98
C LEU I 114 -44.09 5.42 3.26
N LEU I 115 -44.04 5.37 1.93
CA LEU I 115 -43.97 6.59 1.12
C LEU I 115 -45.32 7.29 1.16
#